data_2ELR
#
_entry.id   2ELR
#
loop_
_entity.id
_entity.type
_entity.pdbx_description
1 polymer 'Zinc finger protein 406'
2 non-polymer 'ZINC ION'
#
_entity_poly.entity_id   1
_entity_poly.type   'polypeptide(L)'
_entity_poly.pdbx_seq_one_letter_code
;GSSGSSGKTHLCDMCGKKFKSKGTLKSHKLLHTADG
;
_entity_poly.pdbx_strand_id   A
#
loop_
_chem_comp.id
_chem_comp.type
_chem_comp.name
_chem_comp.formula
ZN non-polymer 'ZINC ION' 'Zn 2'
#
# COMPACT_ATOMS: atom_id res chain seq x y z
N GLY A 1 -9.65 -8.60 0.48
CA GLY A 1 -8.25 -8.35 0.74
C GLY A 1 -7.43 -9.62 0.91
N SER A 2 -6.55 -9.88 -0.05
CA SER A 2 -5.72 -11.07 0.00
C SER A 2 -4.27 -10.72 0.33
N SER A 3 -3.70 -11.41 1.31
CA SER A 3 -2.32 -11.17 1.73
C SER A 3 -1.35 -11.43 0.59
N GLY A 4 -0.71 -10.37 0.12
CA GLY A 4 0.24 -10.50 -0.97
C GLY A 4 1.59 -11.03 -0.52
N SER A 5 2.60 -10.87 -1.35
CA SER A 5 3.94 -11.34 -1.03
C SER A 5 4.79 -10.21 -0.48
N SER A 6 5.53 -10.49 0.59
CA SER A 6 6.38 -9.49 1.22
C SER A 6 7.28 -8.82 0.19
N GLY A 7 6.84 -7.67 -0.32
CA GLY A 7 7.61 -6.94 -1.30
C GLY A 7 7.85 -5.50 -0.91
N LYS A 8 9.11 -5.10 -0.86
CA LYS A 8 9.47 -3.73 -0.49
C LYS A 8 8.43 -2.74 -1.00
N THR A 9 8.14 -2.81 -2.31
CA THR A 9 7.16 -1.92 -2.92
C THR A 9 5.86 -1.90 -2.11
N HIS A 10 5.64 -0.82 -1.36
CA HIS A 10 4.43 -0.68 -0.56
C HIS A 10 3.21 -1.18 -1.31
N LEU A 11 2.84 -2.43 -1.07
CA LEU A 11 1.69 -3.04 -1.73
C LEU A 11 0.48 -3.02 -0.81
N CYS A 12 -0.69 -2.74 -1.39
CA CYS A 12 -1.93 -2.70 -0.63
C CYS A 12 -2.74 -3.99 -0.81
N ASP A 13 -2.83 -4.77 0.26
CA ASP A 13 -3.57 -6.03 0.22
C ASP A 13 -5.07 -5.79 0.31
N MET A 14 -5.44 -4.56 0.67
CA MET A 14 -6.85 -4.20 0.79
C MET A 14 -7.51 -4.16 -0.58
N CYS A 15 -6.83 -3.56 -1.55
CA CYS A 15 -7.37 -3.45 -2.90
C CYS A 15 -6.41 -4.10 -3.91
N GLY A 16 -5.12 -3.85 -3.75
CA GLY A 16 -4.13 -4.41 -4.65
C GLY A 16 -3.33 -3.35 -5.37
N LYS A 17 -3.19 -2.19 -4.75
CA LYS A 17 -2.45 -1.09 -5.33
C LYS A 17 -1.01 -1.03 -4.80
N LYS A 18 -0.06 -0.77 -5.69
CA LYS A 18 1.34 -0.69 -5.31
C LYS A 18 1.83 0.75 -5.31
N PHE A 19 2.64 1.10 -4.33
CA PHE A 19 3.18 2.45 -4.23
C PHE A 19 4.68 2.41 -3.94
N LYS A 20 5.38 3.46 -4.36
CA LYS A 20 6.82 3.55 -4.16
C LYS A 20 7.14 4.19 -2.81
N SER A 21 6.34 5.18 -2.43
CA SER A 21 6.54 5.88 -1.17
C SER A 21 5.46 5.51 -0.17
N LYS A 22 5.62 5.95 1.08
CA LYS A 22 4.65 5.66 2.13
C LYS A 22 3.51 6.68 2.12
N GLY A 23 3.86 7.95 2.30
CA GLY A 23 2.86 9.00 2.31
C GLY A 23 1.78 8.76 1.28
N THR A 24 2.17 8.33 0.08
CA THR A 24 1.22 8.07 -0.99
C THR A 24 0.28 6.94 -0.62
N LEU A 25 0.85 5.80 -0.22
CA LEU A 25 0.06 4.65 0.16
C LEU A 25 -0.84 4.96 1.35
N LYS A 26 -0.33 5.76 2.27
CA LYS A 26 -1.08 6.15 3.47
C LYS A 26 -2.39 6.83 3.08
N SER A 27 -2.29 7.98 2.42
CA SER A 27 -3.46 8.74 2.00
C SER A 27 -4.44 7.84 1.26
N HIS A 28 -3.90 6.89 0.49
CA HIS A 28 -4.73 5.96 -0.27
C HIS A 28 -5.40 4.94 0.65
N LYS A 29 -4.70 4.56 1.71
CA LYS A 29 -5.23 3.59 2.67
C LYS A 29 -6.40 4.19 3.45
N LEU A 30 -6.20 5.40 3.97
CA LEU A 30 -7.24 6.07 4.73
C LEU A 30 -8.60 5.94 4.04
N LEU A 31 -8.59 6.03 2.72
CA LEU A 31 -9.81 5.92 1.93
C LEU A 31 -10.53 4.61 2.21
N HIS A 32 -9.75 3.54 2.35
CA HIS A 32 -10.31 2.22 2.63
C HIS A 32 -11.06 2.20 3.96
N THR A 33 -10.54 2.95 4.92
CA THR A 33 -11.15 3.02 6.24
C THR A 33 -12.26 4.07 6.27
N ALA A 34 -13.18 3.97 5.32
CA ALA A 34 -14.30 4.90 5.23
C ALA A 34 -15.50 4.39 6.01
N ASP A 35 -16.02 3.24 5.61
CA ASP A 35 -17.18 2.64 6.28
C ASP A 35 -16.91 2.46 7.77
N GLY A 36 -15.71 1.97 8.10
CA GLY A 36 -15.36 1.77 9.50
C GLY A 36 -14.82 3.03 10.15
ZN ZN B . -5.68 0.01 -1.24
N GLY A 1 4.84 -12.91 -12.07
CA GLY A 1 6.28 -13.01 -12.21
C GLY A 1 7.02 -12.54 -10.97
N SER A 2 8.34 -12.71 -10.98
CA SER A 2 9.16 -12.31 -9.84
C SER A 2 10.51 -11.77 -10.32
N SER A 3 10.99 -10.73 -9.64
CA SER A 3 12.26 -10.12 -9.99
C SER A 3 13.35 -10.50 -8.99
N GLY A 4 13.02 -10.43 -7.70
CA GLY A 4 13.97 -10.78 -6.67
C GLY A 4 14.67 -9.56 -6.10
N SER A 5 15.33 -8.80 -6.97
CA SER A 5 16.05 -7.61 -6.53
C SER A 5 15.25 -6.83 -5.50
N SER A 6 15.95 -6.26 -4.52
CA SER A 6 15.30 -5.49 -3.47
C SER A 6 14.18 -4.62 -4.04
N GLY A 7 13.14 -4.42 -3.25
CA GLY A 7 12.01 -3.60 -3.69
C GLY A 7 11.22 -3.04 -2.53
N LYS A 8 10.89 -3.89 -1.56
CA LYS A 8 10.12 -3.46 -0.40
C LYS A 8 9.10 -2.39 -0.78
N THR A 9 8.47 -2.55 -1.94
CA THR A 9 7.48 -1.59 -2.41
C THR A 9 6.23 -1.63 -1.55
N HIS A 10 5.74 -0.47 -1.16
CA HIS A 10 4.54 -0.36 -0.34
C HIS A 10 3.32 -0.85 -1.11
N LEU A 11 2.86 -2.07 -0.79
CA LEU A 11 1.70 -2.65 -1.46
C LEU A 11 0.49 -2.63 -0.53
N CYS A 12 -0.68 -2.31 -1.09
CA CYS A 12 -1.91 -2.25 -0.32
C CYS A 12 -2.57 -3.64 -0.27
N ASP A 13 -2.58 -4.22 0.92
CA ASP A 13 -3.18 -5.54 1.11
C ASP A 13 -4.68 -5.42 1.36
N MET A 14 -5.32 -4.47 0.68
CA MET A 14 -6.75 -4.25 0.83
C MET A 14 -7.44 -4.19 -0.53
N CYS A 15 -6.77 -3.57 -1.50
CA CYS A 15 -7.31 -3.44 -2.85
C CYS A 15 -6.39 -4.10 -3.86
N GLY A 16 -5.08 -4.03 -3.61
CA GLY A 16 -4.12 -4.62 -4.51
C GLY A 16 -3.39 -3.59 -5.35
N LYS A 17 -3.03 -2.47 -4.72
CA LYS A 17 -2.33 -1.40 -5.41
C LYS A 17 -0.92 -1.24 -4.86
N LYS A 18 0.05 -1.08 -5.76
CA LYS A 18 1.44 -0.90 -5.36
C LYS A 18 1.87 0.56 -5.46
N PHE A 19 2.55 1.05 -4.43
CA PHE A 19 3.00 2.43 -4.40
C PHE A 19 4.51 2.50 -4.17
N LYS A 20 5.16 3.50 -4.75
CA LYS A 20 6.59 3.69 -4.61
C LYS A 20 6.91 4.70 -3.52
N SER A 21 5.93 4.98 -2.67
CA SER A 21 6.10 5.94 -1.60
C SER A 21 5.06 5.72 -0.50
N LYS A 22 5.53 5.36 0.69
CA LYS A 22 4.63 5.12 1.82
C LYS A 22 3.64 6.27 1.97
N GLY A 23 4.15 7.47 2.23
CA GLY A 23 3.29 8.62 2.39
C GLY A 23 2.16 8.66 1.38
N THR A 24 2.49 8.36 0.13
CA THR A 24 1.50 8.36 -0.95
C THR A 24 0.46 7.27 -0.73
N LEU A 25 0.91 6.11 -0.27
CA LEU A 25 0.01 4.99 -0.02
C LEU A 25 -0.88 5.27 1.19
N LYS A 26 -0.30 5.85 2.23
CA LYS A 26 -1.04 6.16 3.45
C LYS A 26 -2.33 6.92 3.11
N SER A 27 -2.19 8.05 2.44
CA SER A 27 -3.35 8.86 2.07
C SER A 27 -4.41 8.00 1.40
N HIS A 28 -3.98 7.01 0.62
CA HIS A 28 -4.90 6.13 -0.08
C HIS A 28 -5.59 5.18 0.90
N LYS A 29 -4.80 4.46 1.69
CA LYS A 29 -5.34 3.53 2.67
C LYS A 29 -6.54 4.12 3.39
N LEU A 30 -6.36 5.29 3.98
CA LEU A 30 -7.43 5.97 4.69
C LEU A 30 -8.77 5.78 3.97
N LEU A 31 -8.74 5.86 2.64
CA LEU A 31 -9.95 5.70 1.84
C LEU A 31 -10.68 4.41 2.22
N HIS A 32 -9.92 3.32 2.34
CA HIS A 32 -10.50 2.04 2.69
C HIS A 32 -11.37 2.16 3.95
N THR A 33 -10.84 2.83 4.96
CA THR A 33 -11.56 3.01 6.21
C THR A 33 -12.14 4.43 6.31
N ALA A 34 -13.46 4.51 6.23
CA ALA A 34 -14.15 5.80 6.32
C ALA A 34 -13.97 6.43 7.69
N ASP A 35 -13.98 7.76 7.74
CA ASP A 35 -13.82 8.48 9.01
C ASP A 35 -15.14 8.56 9.75
N GLY A 36 -15.07 8.79 11.05
CA GLY A 36 -16.28 8.89 11.86
C GLY A 36 -16.87 10.29 11.84
ZN ZN B . -5.98 0.13 -1.08
N GLY A 1 -5.42 -12.91 -4.23
CA GLY A 1 -4.45 -13.57 -3.39
C GLY A 1 -4.19 -12.81 -2.10
N SER A 2 -4.17 -13.52 -0.98
CA SER A 2 -3.92 -12.90 0.32
C SER A 2 -2.51 -13.17 0.81
N SER A 3 -2.18 -14.45 0.96
CA SER A 3 -0.85 -14.85 1.42
C SER A 3 0.02 -15.30 0.25
N GLY A 4 0.65 -14.32 -0.41
CA GLY A 4 1.51 -14.63 -1.54
C GLY A 4 2.92 -14.13 -1.35
N SER A 5 3.49 -13.53 -2.38
CA SER A 5 4.85 -13.02 -2.32
C SER A 5 4.86 -11.50 -2.16
N SER A 6 5.98 -10.96 -1.70
CA SER A 6 6.12 -9.52 -1.50
C SER A 6 7.53 -9.06 -1.79
N GLY A 7 7.69 -7.78 -2.10
CA GLY A 7 9.00 -7.23 -2.39
C GLY A 7 9.29 -5.97 -1.60
N LYS A 8 10.02 -5.05 -2.21
CA LYS A 8 10.37 -3.79 -1.56
C LYS A 8 9.55 -2.63 -2.12
N THR A 9 8.25 -2.66 -1.86
CA THR A 9 7.35 -1.62 -2.34
C THR A 9 6.02 -1.64 -1.59
N HIS A 10 5.64 -0.50 -1.02
CA HIS A 10 4.40 -0.39 -0.28
C HIS A 10 3.23 -0.90 -1.11
N LEU A 11 2.72 -2.07 -0.74
CA LEU A 11 1.59 -2.67 -1.45
C LEU A 11 0.33 -2.66 -0.59
N CYS A 12 -0.81 -2.45 -1.23
CA CYS A 12 -2.09 -2.42 -0.51
C CYS A 12 -2.84 -3.73 -0.70
N ASP A 13 -2.78 -4.58 0.32
CA ASP A 13 -3.46 -5.87 0.27
C ASP A 13 -4.97 -5.69 0.26
N MET A 14 -5.44 -4.50 0.65
CA MET A 14 -6.86 -4.20 0.67
C MET A 14 -7.45 -4.26 -0.73
N CYS A 15 -6.79 -3.59 -1.67
CA CYS A 15 -7.26 -3.56 -3.06
C CYS A 15 -6.23 -4.18 -3.98
N GLY A 16 -4.95 -3.90 -3.73
CA GLY A 16 -3.89 -4.44 -4.55
C GLY A 16 -3.14 -3.37 -5.32
N LYS A 17 -2.95 -2.22 -4.69
CA LYS A 17 -2.24 -1.11 -5.32
C LYS A 17 -0.79 -1.05 -4.86
N LYS A 18 0.11 -0.70 -5.78
CA LYS A 18 1.52 -0.59 -5.47
C LYS A 18 1.97 0.86 -5.41
N PHE A 19 2.71 1.21 -4.36
CA PHE A 19 3.20 2.57 -4.19
C PHE A 19 4.70 2.57 -3.88
N LYS A 20 5.41 3.54 -4.45
CA LYS A 20 6.84 3.67 -4.25
C LYS A 20 7.16 4.19 -2.85
N SER A 21 6.29 5.06 -2.35
CA SER A 21 6.47 5.65 -1.02
C SER A 21 5.26 5.38 -0.14
N LYS A 22 5.51 5.09 1.13
CA LYS A 22 4.44 4.81 2.08
C LYS A 22 3.52 6.01 2.23
N GLY A 23 4.11 7.21 2.14
CA GLY A 23 3.32 8.43 2.28
C GLY A 23 2.18 8.50 1.27
N THR A 24 2.51 8.33 0.00
CA THR A 24 1.51 8.37 -1.06
C THR A 24 0.46 7.28 -0.87
N LEU A 25 0.89 6.13 -0.38
CA LEU A 25 -0.02 5.01 -0.14
C LEU A 25 -0.96 5.30 1.02
N LYS A 26 -0.42 5.88 2.08
CA LYS A 26 -1.20 6.22 3.26
C LYS A 26 -2.50 6.93 2.87
N SER A 27 -2.36 8.11 2.27
CA SER A 27 -3.51 8.89 1.84
C SER A 27 -4.53 8.01 1.12
N HIS A 28 -4.03 7.00 0.42
CA HIS A 28 -4.90 6.08 -0.31
C HIS A 28 -5.52 5.05 0.63
N LYS A 29 -4.76 4.65 1.64
CA LYS A 29 -5.24 3.67 2.61
C LYS A 29 -6.43 4.23 3.40
N LEU A 30 -6.28 5.43 3.93
CA LEU A 30 -7.33 6.07 4.70
C LEU A 30 -8.70 5.78 4.09
N LEU A 31 -8.79 5.89 2.77
CA LEU A 31 -10.03 5.64 2.06
C LEU A 31 -10.64 4.29 2.47
N HIS A 32 -9.80 3.27 2.55
CA HIS A 32 -10.24 1.94 2.94
C HIS A 32 -10.91 1.97 4.31
N THR A 33 -10.27 2.64 5.26
CA THR A 33 -10.79 2.75 6.61
C THR A 33 -11.84 3.85 6.71
N ALA A 34 -12.68 3.77 7.74
CA ALA A 34 -13.72 4.77 7.95
C ALA A 34 -13.37 5.69 9.12
N ASP A 35 -12.50 6.67 8.85
CA ASP A 35 -12.09 7.61 9.89
C ASP A 35 -11.57 8.89 9.26
N GLY A 36 -11.98 10.04 9.81
CA GLY A 36 -11.55 11.32 9.29
C GLY A 36 -12.53 12.43 9.58
ZN ZN B . -5.95 0.10 -1.29
N GLY A 1 18.70 -10.31 -3.87
CA GLY A 1 17.44 -10.93 -4.22
C GLY A 1 16.26 -10.35 -3.47
N SER A 2 15.96 -10.93 -2.31
CA SER A 2 14.85 -10.45 -1.48
C SER A 2 15.24 -9.20 -0.71
N SER A 3 16.33 -9.30 0.04
CA SER A 3 16.81 -8.18 0.84
C SER A 3 16.92 -6.91 0.00
N GLY A 4 17.61 -7.02 -1.13
CA GLY A 4 17.78 -5.88 -2.01
C GLY A 4 16.99 -6.02 -3.30
N SER A 5 17.66 -5.89 -4.43
CA SER A 5 17.01 -6.00 -5.72
C SER A 5 15.76 -5.13 -5.78
N SER A 6 15.88 -3.92 -5.23
CA SER A 6 14.75 -2.98 -5.22
C SER A 6 13.44 -3.72 -4.94
N GLY A 7 13.47 -4.66 -4.00
CA GLY A 7 12.29 -5.41 -3.66
C GLY A 7 11.53 -4.81 -2.49
N LYS A 8 11.39 -3.49 -2.50
CA LYS A 8 10.69 -2.79 -1.43
C LYS A 8 9.64 -1.84 -2.02
N THR A 9 8.43 -2.36 -2.24
CA THR A 9 7.35 -1.56 -2.79
C THR A 9 6.12 -1.60 -1.88
N HIS A 10 5.78 -0.44 -1.31
CA HIS A 10 4.62 -0.35 -0.42
C HIS A 10 3.36 -0.81 -1.13
N LEU A 11 2.95 -2.05 -0.89
CA LEU A 11 1.75 -2.61 -1.50
C LEU A 11 0.57 -2.54 -0.54
N CYS A 12 -0.63 -2.38 -1.09
CA CYS A 12 -1.83 -2.30 -0.29
C CYS A 12 -2.52 -3.66 -0.20
N ASP A 13 -2.48 -4.25 0.99
CA ASP A 13 -3.10 -5.56 1.20
C ASP A 13 -4.59 -5.42 1.48
N MET A 14 -5.23 -4.45 0.83
CA MET A 14 -6.65 -4.21 1.00
C MET A 14 -7.37 -4.22 -0.34
N CYS A 15 -6.73 -3.64 -1.35
CA CYS A 15 -7.32 -3.57 -2.68
C CYS A 15 -6.38 -4.19 -3.72
N GLY A 16 -5.07 -4.04 -3.48
CA GLY A 16 -4.09 -4.59 -4.39
C GLY A 16 -3.40 -3.51 -5.20
N LYS A 17 -3.06 -2.40 -4.55
CA LYS A 17 -2.39 -1.29 -5.21
C LYS A 17 -0.95 -1.15 -4.71
N LYS A 18 -0.02 -0.95 -5.64
CA LYS A 18 1.38 -0.80 -5.30
C LYS A 18 1.80 0.66 -5.36
N PHE A 19 2.53 1.11 -4.34
CA PHE A 19 3.00 2.49 -4.29
C PHE A 19 4.50 2.54 -4.04
N LYS A 20 5.19 3.35 -4.83
CA LYS A 20 6.63 3.51 -4.71
C LYS A 20 7.02 3.95 -3.30
N SER A 21 6.30 4.95 -2.79
CA SER A 21 6.56 5.49 -1.46
C SER A 21 5.45 5.09 -0.50
N LYS A 22 5.65 5.41 0.79
CA LYS A 22 4.66 5.10 1.82
C LYS A 22 3.65 6.23 1.96
N GLY A 23 4.15 7.44 2.16
CA GLY A 23 3.27 8.59 2.32
C GLY A 23 2.12 8.58 1.32
N THR A 24 2.44 8.29 0.06
CA THR A 24 1.42 8.25 -0.98
C THR A 24 0.40 7.16 -0.73
N LEU A 25 0.88 6.01 -0.28
CA LEU A 25 0.00 4.87 0.01
C LEU A 25 -0.88 5.17 1.22
N LYS A 26 -0.29 5.73 2.26
CA LYS A 26 -1.03 6.07 3.48
C LYS A 26 -2.30 6.83 3.13
N SER A 27 -2.15 8.00 2.53
CA SER A 27 -3.29 8.82 2.15
C SER A 27 -4.37 7.99 1.46
N HIS A 28 -3.93 7.01 0.67
CA HIS A 28 -4.86 6.14 -0.05
C HIS A 28 -5.56 5.19 0.92
N LYS A 29 -4.78 4.47 1.71
CA LYS A 29 -5.33 3.53 2.68
C LYS A 29 -6.50 4.14 3.43
N LEU A 30 -6.39 5.44 3.71
CA LEU A 30 -7.45 6.16 4.43
C LEU A 30 -8.81 5.91 3.80
N LEU A 31 -8.83 5.86 2.46
CA LEU A 31 -10.06 5.63 1.73
C LEU A 31 -10.76 4.36 2.20
N HIS A 32 -9.97 3.32 2.42
CA HIS A 32 -10.50 2.04 2.88
C HIS A 32 -11.32 2.21 4.16
N THR A 33 -10.72 2.87 5.15
CA THR A 33 -11.40 3.10 6.42
C THR A 33 -12.21 4.39 6.38
N ALA A 34 -13.39 4.35 7.00
CA ALA A 34 -14.28 5.51 7.04
C ALA A 34 -13.80 6.53 8.07
N ASP A 35 -13.36 7.68 7.59
CA ASP A 35 -12.88 8.74 8.48
C ASP A 35 -13.91 9.05 9.56
N GLY A 36 -13.66 8.55 10.77
CA GLY A 36 -14.57 8.78 11.87
C GLY A 36 -14.23 7.94 13.09
ZN ZN B . -5.94 0.11 -0.97
N GLY A 1 1.38 -18.06 -8.46
CA GLY A 1 1.20 -16.68 -8.06
C GLY A 1 2.29 -15.78 -8.59
N SER A 2 2.22 -15.45 -9.88
CA SER A 2 3.21 -14.60 -10.52
C SER A 2 2.80 -13.13 -10.42
N SER A 3 3.24 -12.47 -9.35
CA SER A 3 2.91 -11.06 -9.14
C SER A 3 3.77 -10.16 -10.03
N GLY A 4 5.09 -10.30 -9.90
CA GLY A 4 5.99 -9.50 -10.70
C GLY A 4 6.35 -8.19 -10.03
N SER A 5 6.89 -8.27 -8.82
CA SER A 5 7.27 -7.08 -8.06
C SER A 5 8.78 -6.91 -8.06
N SER A 6 9.22 -5.67 -7.87
CA SER A 6 10.65 -5.36 -7.85
C SER A 6 11.23 -5.59 -6.45
N GLY A 7 10.54 -5.07 -5.44
CA GLY A 7 11.00 -5.22 -4.07
C GLY A 7 10.69 -4.00 -3.22
N LYS A 8 10.58 -4.21 -1.91
CA LYS A 8 10.29 -3.11 -0.99
C LYS A 8 9.26 -2.16 -1.58
N THR A 9 8.23 -2.72 -2.21
CA THR A 9 7.18 -1.92 -2.83
C THR A 9 5.92 -1.92 -1.95
N HIS A 10 5.57 -0.74 -1.44
CA HIS A 10 4.39 -0.61 -0.59
C HIS A 10 3.14 -1.11 -1.32
N LEU A 11 2.76 -2.35 -1.02
CA LEU A 11 1.58 -2.95 -1.64
C LEU A 11 0.37 -2.87 -0.71
N CYS A 12 -0.80 -2.64 -1.30
CA CYS A 12 -2.03 -2.54 -0.53
C CYS A 12 -2.85 -3.82 -0.64
N ASP A 13 -2.87 -4.60 0.44
CA ASP A 13 -3.61 -5.85 0.46
C ASP A 13 -5.11 -5.60 0.38
N MET A 14 -5.52 -4.38 0.72
CA MET A 14 -6.93 -4.01 0.69
C MET A 14 -7.50 -4.15 -0.72
N CYS A 15 -6.88 -3.46 -1.67
CA CYS A 15 -7.33 -3.52 -3.06
C CYS A 15 -6.29 -4.21 -3.94
N GLY A 16 -5.01 -3.99 -3.61
CA GLY A 16 -3.94 -4.61 -4.39
C GLY A 16 -3.17 -3.60 -5.21
N LYS A 17 -2.98 -2.41 -4.65
CA LYS A 17 -2.26 -1.35 -5.34
C LYS A 17 -0.82 -1.25 -4.82
N LYS A 18 0.11 -1.03 -5.74
CA LYS A 18 1.52 -0.91 -5.38
C LYS A 18 1.99 0.54 -5.45
N PHE A 19 2.74 0.97 -4.44
CA PHE A 19 3.24 2.33 -4.39
C PHE A 19 4.74 2.35 -4.08
N LYS A 20 5.40 3.43 -4.47
CA LYS A 20 6.84 3.57 -4.24
C LYS A 20 7.11 4.46 -3.03
N SER A 21 6.10 5.25 -2.64
CA SER A 21 6.24 6.15 -1.51
C SER A 21 5.25 5.78 -0.40
N LYS A 22 5.69 5.91 0.84
CA LYS A 22 4.85 5.59 1.99
C LYS A 22 3.69 6.57 2.11
N GLY A 23 4.00 7.83 2.32
CA GLY A 23 2.97 8.85 2.45
C GLY A 23 1.85 8.67 1.44
N THR A 24 2.22 8.45 0.18
CA THR A 24 1.24 8.26 -0.88
C THR A 24 0.30 7.09 -0.56
N LEU A 25 0.88 5.96 -0.18
CA LEU A 25 0.10 4.78 0.16
C LEU A 25 -0.82 5.06 1.34
N LYS A 26 -0.33 5.82 2.31
CA LYS A 26 -1.11 6.16 3.49
C LYS A 26 -2.42 6.85 3.10
N SER A 27 -2.31 8.04 2.52
CA SER A 27 -3.48 8.80 2.11
C SER A 27 -4.47 7.90 1.36
N HIS A 28 -3.93 7.00 0.55
CA HIS A 28 -4.75 6.07 -0.23
C HIS A 28 -5.46 5.07 0.69
N LYS A 29 -4.73 4.59 1.69
CA LYS A 29 -5.28 3.62 2.63
C LYS A 29 -6.44 4.22 3.41
N LEU A 30 -6.28 5.47 3.83
CA LEU A 30 -7.31 6.16 4.59
C LEU A 30 -8.69 5.96 3.95
N LEU A 31 -8.73 5.96 2.63
CA LEU A 31 -9.97 5.76 1.90
C LEU A 31 -10.64 4.46 2.31
N HIS A 32 -9.85 3.39 2.36
CA HIS A 32 -10.37 2.08 2.74
C HIS A 32 -11.07 2.14 4.10
N THR A 33 -10.39 2.74 5.08
CA THR A 33 -10.93 2.86 6.42
C THR A 33 -11.51 4.25 6.66
N ALA A 34 -12.18 4.79 5.66
CA ALA A 34 -12.78 6.12 5.76
C ALA A 34 -13.99 6.10 6.68
N ASP A 35 -14.26 7.24 7.31
CA ASP A 35 -15.40 7.35 8.22
C ASP A 35 -16.70 7.55 7.45
N GLY A 36 -17.73 6.82 7.84
CA GLY A 36 -19.01 6.92 7.18
C GLY A 36 -19.22 5.84 6.14
ZN ZN B . -5.85 0.03 -1.41
N GLY A 1 9.34 -16.69 -7.63
CA GLY A 1 8.21 -15.78 -7.55
C GLY A 1 7.79 -15.24 -8.90
N SER A 2 7.32 -16.13 -9.76
CA SER A 2 6.88 -15.74 -11.10
C SER A 2 5.91 -14.57 -11.04
N SER A 3 4.94 -14.65 -10.13
CA SER A 3 3.95 -13.61 -9.96
C SER A 3 4.38 -12.61 -8.89
N GLY A 4 4.82 -13.13 -7.75
CA GLY A 4 5.26 -12.28 -6.66
C GLY A 4 6.42 -11.38 -7.07
N SER A 5 6.12 -10.11 -7.28
CA SER A 5 7.15 -9.15 -7.67
C SER A 5 8.25 -9.05 -6.61
N SER A 6 9.47 -8.84 -7.06
CA SER A 6 10.61 -8.73 -6.15
C SER A 6 10.96 -7.27 -5.88
N GLY A 7 11.38 -6.99 -4.65
CA GLY A 7 11.74 -5.63 -4.29
C GLY A 7 10.76 -5.02 -3.30
N LYS A 8 11.28 -4.54 -2.18
CA LYS A 8 10.45 -3.93 -1.15
C LYS A 8 9.64 -2.76 -1.73
N THR A 9 8.33 -2.95 -1.81
CA THR A 9 7.45 -1.91 -2.34
C THR A 9 6.16 -1.82 -1.54
N HIS A 10 5.79 -0.60 -1.17
CA HIS A 10 4.57 -0.37 -0.39
C HIS A 10 3.34 -0.90 -1.13
N LEU A 11 2.90 -2.10 -0.75
CA LEU A 11 1.73 -2.71 -1.37
C LEU A 11 0.52 -2.66 -0.45
N CYS A 12 -0.64 -2.33 -1.02
CA CYS A 12 -1.86 -2.24 -0.26
C CYS A 12 -2.55 -3.60 -0.16
N ASP A 13 -2.60 -4.15 1.04
CA ASP A 13 -3.23 -5.45 1.27
C ASP A 13 -4.74 -5.30 1.47
N MET A 14 -5.33 -4.32 0.80
CA MET A 14 -6.76 -4.06 0.91
C MET A 14 -7.42 -4.10 -0.46
N CYS A 15 -6.74 -3.54 -1.45
CA CYS A 15 -7.27 -3.51 -2.81
C CYS A 15 -6.28 -4.13 -3.80
N GLY A 16 -5.00 -3.99 -3.50
CA GLY A 16 -3.97 -4.54 -4.36
C GLY A 16 -3.28 -3.48 -5.19
N LYS A 17 -2.97 -2.35 -4.57
CA LYS A 17 -2.30 -1.25 -5.26
C LYS A 17 -0.86 -1.11 -4.78
N LYS A 18 0.05 -0.86 -5.73
CA LYS A 18 1.46 -0.70 -5.40
C LYS A 18 1.86 0.78 -5.43
N PHE A 19 2.60 1.21 -4.42
CA PHE A 19 3.05 2.59 -4.32
C PHE A 19 4.55 2.66 -4.04
N LYS A 20 5.27 3.40 -4.88
CA LYS A 20 6.71 3.55 -4.72
C LYS A 20 7.05 4.22 -3.39
N SER A 21 6.17 5.12 -2.95
CA SER A 21 6.37 5.83 -1.69
C SER A 21 5.33 5.42 -0.65
N LYS A 22 5.65 5.63 0.61
CA LYS A 22 4.74 5.29 1.69
C LYS A 22 3.65 6.34 1.84
N GLY A 23 4.07 7.59 2.04
CA GLY A 23 3.11 8.67 2.19
C GLY A 23 1.93 8.54 1.25
N THR A 24 2.20 8.25 -0.01
CA THR A 24 1.14 8.09 -1.00
C THR A 24 0.22 6.93 -0.65
N LEU A 25 0.81 5.82 -0.24
CA LEU A 25 0.04 4.64 0.13
C LEU A 25 -0.82 4.90 1.37
N LYS A 26 -0.27 5.69 2.30
CA LYS A 26 -0.99 6.03 3.52
C LYS A 26 -2.26 6.81 3.21
N SER A 27 -2.09 7.96 2.56
CA SER A 27 -3.23 8.81 2.21
C SER A 27 -4.29 8.01 1.46
N HIS A 28 -3.85 6.98 0.76
CA HIS A 28 -4.77 6.13 -0.01
C HIS A 28 -5.51 5.18 0.92
N LYS A 29 -4.76 4.45 1.74
CA LYS A 29 -5.35 3.49 2.67
C LYS A 29 -6.53 4.12 3.42
N LEU A 30 -6.35 5.35 3.87
CA LEU A 30 -7.38 6.06 4.60
C LEU A 30 -8.73 5.94 3.90
N LEU A 31 -8.70 5.92 2.57
CA LEU A 31 -9.92 5.80 1.77
C LEU A 31 -10.68 4.53 2.14
N HIS A 32 -9.95 3.43 2.29
CA HIS A 32 -10.55 2.15 2.64
C HIS A 32 -11.44 2.28 3.87
N THR A 33 -10.88 2.88 4.92
CA THR A 33 -11.63 3.07 6.17
C THR A 33 -12.38 4.40 6.16
N ALA A 34 -13.39 4.51 7.02
CA ALA A 34 -14.18 5.72 7.11
C ALA A 34 -13.54 6.72 8.08
N ASP A 35 -12.21 6.71 8.13
CA ASP A 35 -11.48 7.62 9.01
C ASP A 35 -10.51 8.49 8.20
N GLY A 36 -9.90 9.46 8.88
CA GLY A 36 -8.96 10.34 8.22
C GLY A 36 -9.50 11.74 8.06
ZN ZN B . -5.95 0.18 -1.09
N GLY A 1 6.43 -17.61 0.50
CA GLY A 1 5.48 -17.43 -0.59
C GLY A 1 6.03 -17.90 -1.92
N SER A 2 5.14 -18.34 -2.80
CA SER A 2 5.55 -18.83 -4.12
C SER A 2 5.88 -17.66 -5.05
N SER A 3 5.00 -16.67 -5.09
CA SER A 3 5.20 -15.51 -5.94
C SER A 3 5.18 -14.22 -5.12
N GLY A 4 6.24 -13.43 -5.25
CA GLY A 4 6.33 -12.18 -4.51
C GLY A 4 7.29 -11.20 -5.15
N SER A 5 6.74 -10.14 -5.73
CA SER A 5 7.56 -9.12 -6.39
C SER A 5 8.17 -8.17 -5.36
N SER A 6 9.31 -8.56 -4.80
CA SER A 6 10.00 -7.76 -3.81
C SER A 6 10.54 -6.47 -4.43
N GLY A 7 10.77 -5.46 -3.60
CA GLY A 7 11.28 -4.20 -4.08
C GLY A 7 10.85 -3.03 -3.24
N LYS A 8 10.80 -3.23 -1.92
CA LYS A 8 10.39 -2.18 -1.00
C LYS A 8 9.28 -1.33 -1.59
N THR A 9 8.31 -1.99 -2.23
CA THR A 9 7.19 -1.31 -2.84
C THR A 9 5.93 -1.43 -1.99
N HIS A 10 5.59 -0.35 -1.29
CA HIS A 10 4.41 -0.34 -0.43
C HIS A 10 3.18 -0.81 -1.19
N LEU A 11 2.81 -2.07 -0.97
CA LEU A 11 1.64 -2.65 -1.65
C LEU A 11 0.43 -2.67 -0.72
N CYS A 12 -0.76 -2.50 -1.30
CA CYS A 12 -1.99 -2.50 -0.53
C CYS A 12 -2.71 -3.84 -0.65
N ASP A 13 -3.02 -4.44 0.50
CA ASP A 13 -3.71 -5.73 0.52
C ASP A 13 -5.23 -5.53 0.48
N MET A 14 -5.66 -4.30 0.68
CA MET A 14 -7.08 -3.98 0.66
C MET A 14 -7.65 -4.09 -0.75
N CYS A 15 -7.02 -3.39 -1.68
CA CYS A 15 -7.46 -3.40 -3.08
C CYS A 15 -6.42 -4.07 -3.98
N GLY A 16 -5.15 -3.80 -3.70
CA GLY A 16 -4.08 -4.38 -4.48
C GLY A 16 -3.28 -3.34 -5.24
N LYS A 17 -3.20 -2.14 -4.69
CA LYS A 17 -2.47 -1.04 -5.32
C LYS A 17 -1.03 -1.01 -4.83
N LYS A 18 -0.10 -0.78 -5.75
CA LYS A 18 1.32 -0.71 -5.42
C LYS A 18 1.81 0.73 -5.39
N PHE A 19 2.58 1.08 -4.37
CA PHE A 19 3.11 2.43 -4.23
C PHE A 19 4.62 2.40 -4.03
N LYS A 20 5.28 3.50 -4.36
CA LYS A 20 6.73 3.61 -4.21
C LYS A 20 7.10 3.99 -2.78
N SER A 21 6.40 4.98 -2.24
CA SER A 21 6.66 5.45 -0.88
C SER A 21 5.46 5.17 0.03
N LYS A 22 5.67 5.36 1.33
CA LYS A 22 4.61 5.12 2.30
C LYS A 22 3.54 6.20 2.21
N GLY A 23 3.93 7.45 2.45
CA GLY A 23 3.00 8.55 2.40
C GLY A 23 1.98 8.39 1.29
N THR A 24 2.46 8.31 0.05
CA THR A 24 1.59 8.15 -1.11
C THR A 24 0.54 7.07 -0.86
N LEU A 25 0.97 5.98 -0.24
CA LEU A 25 0.05 4.87 0.05
C LEU A 25 -0.86 5.22 1.22
N LYS A 26 -0.32 5.95 2.19
CA LYS A 26 -1.09 6.35 3.36
C LYS A 26 -2.35 7.11 2.95
N SER A 27 -2.18 8.17 2.16
CA SER A 27 -3.29 8.98 1.69
C SER A 27 -4.31 8.12 0.95
N HIS A 28 -3.90 6.91 0.57
CA HIS A 28 -4.79 6.00 -0.14
C HIS A 28 -5.51 5.07 0.84
N LYS A 29 -4.75 4.45 1.74
CA LYS A 29 -5.31 3.55 2.73
C LYS A 29 -6.49 4.19 3.45
N LEU A 30 -6.34 5.46 3.81
CA LEU A 30 -7.39 6.19 4.50
C LEU A 30 -8.75 5.89 3.90
N LEU A 31 -8.82 5.85 2.57
CA LEU A 31 -10.06 5.57 1.87
C LEU A 31 -10.68 4.26 2.36
N HIS A 32 -9.84 3.24 2.51
CA HIS A 32 -10.31 1.94 2.98
C HIS A 32 -10.87 2.03 4.39
N THR A 33 -10.15 2.72 5.26
CA THR A 33 -10.58 2.88 6.65
C THR A 33 -11.60 4.01 6.77
N ALA A 34 -12.25 4.09 7.94
CA ALA A 34 -13.25 5.11 8.19
C ALA A 34 -12.99 5.83 9.51
N ASP A 35 -13.00 7.15 9.47
CA ASP A 35 -12.76 7.96 10.66
C ASP A 35 -13.37 7.30 11.89
N GLY A 36 -12.52 6.69 12.72
CA GLY A 36 -12.99 6.02 13.91
C GLY A 36 -13.79 6.95 14.82
ZN ZN B . -6.04 -0.02 -1.30
N GLY A 1 14.70 -16.21 7.29
CA GLY A 1 15.31 -16.43 5.99
C GLY A 1 14.95 -15.33 5.00
N SER A 2 15.87 -15.05 4.08
CA SER A 2 15.64 -14.02 3.07
C SER A 2 15.47 -14.65 1.69
N SER A 3 14.47 -14.16 0.95
CA SER A 3 14.19 -14.68 -0.39
C SER A 3 14.34 -13.58 -1.43
N GLY A 4 15.51 -13.52 -2.06
CA GLY A 4 15.76 -12.51 -3.08
C GLY A 4 15.28 -11.13 -2.66
N SER A 5 16.07 -10.45 -1.82
CA SER A 5 15.71 -9.13 -1.34
C SER A 5 15.67 -8.12 -2.49
N SER A 6 14.52 -8.02 -3.15
CA SER A 6 14.35 -7.11 -4.27
C SER A 6 13.76 -5.79 -3.81
N GLY A 7 14.25 -5.28 -2.68
CA GLY A 7 13.76 -4.03 -2.15
C GLY A 7 12.46 -4.19 -1.38
N LYS A 8 11.54 -3.24 -1.56
CA LYS A 8 10.25 -3.28 -0.89
C LYS A 8 9.28 -2.28 -1.51
N THR A 9 8.21 -2.78 -2.09
CA THR A 9 7.21 -1.92 -2.72
C THR A 9 5.92 -1.92 -1.93
N HIS A 10 5.57 -0.75 -1.37
CA HIS A 10 4.35 -0.62 -0.58
C HIS A 10 3.14 -1.15 -1.35
N LEU A 11 2.76 -2.39 -1.04
CA LEU A 11 1.63 -3.02 -1.71
C LEU A 11 0.41 -3.06 -0.78
N CYS A 12 -0.75 -2.69 -1.32
CA CYS A 12 -1.98 -2.67 -0.55
C CYS A 12 -2.79 -3.95 -0.79
N ASP A 13 -2.71 -4.88 0.15
CA ASP A 13 -3.44 -6.14 0.04
C ASP A 13 -4.94 -5.91 0.11
N MET A 14 -5.34 -4.74 0.59
CA MET A 14 -6.75 -4.40 0.71
C MET A 14 -7.40 -4.33 -0.67
N CYS A 15 -6.75 -3.63 -1.59
CA CYS A 15 -7.28 -3.49 -2.94
C CYS A 15 -6.31 -4.07 -3.96
N GLY A 16 -5.02 -3.85 -3.74
CA GLY A 16 -4.01 -4.37 -4.66
C GLY A 16 -3.23 -3.26 -5.34
N LYS A 17 -3.13 -2.11 -4.69
CA LYS A 17 -2.41 -0.98 -5.25
C LYS A 17 -0.94 -1.00 -4.83
N LYS A 18 -0.06 -0.65 -5.76
CA LYS A 18 1.37 -0.63 -5.49
C LYS A 18 1.89 0.80 -5.40
N PHE A 19 2.70 1.08 -4.38
CA PHE A 19 3.26 2.41 -4.18
C PHE A 19 4.75 2.33 -3.87
N LYS A 20 5.48 3.37 -4.26
CA LYS A 20 6.91 3.42 -4.02
C LYS A 20 7.23 4.11 -2.70
N SER A 21 6.45 5.15 -2.38
CA SER A 21 6.64 5.89 -1.15
C SER A 21 5.61 5.49 -0.10
N LYS A 22 5.77 6.02 1.11
CA LYS A 22 4.85 5.72 2.20
C LYS A 22 3.64 6.65 2.17
N GLY A 23 3.90 7.96 2.25
CA GLY A 23 2.83 8.93 2.23
C GLY A 23 1.73 8.55 1.26
N THR A 24 2.09 8.38 -0.01
CA THR A 24 1.13 8.02 -1.05
C THR A 24 0.23 6.89 -0.58
N LEU A 25 0.82 5.75 -0.26
CA LEU A 25 0.08 4.59 0.20
C LEU A 25 -0.79 4.95 1.40
N LYS A 26 -0.24 5.73 2.32
CA LYS A 26 -0.97 6.14 3.51
C LYS A 26 -2.24 6.90 3.14
N SER A 27 -2.08 8.03 2.45
CA SER A 27 -3.22 8.84 2.04
C SER A 27 -4.25 7.99 1.31
N HIS A 28 -3.78 6.94 0.65
CA HIS A 28 -4.66 6.05 -0.10
C HIS A 28 -5.44 5.13 0.85
N LYS A 29 -4.72 4.47 1.75
CA LYS A 29 -5.34 3.57 2.71
C LYS A 29 -6.51 4.23 3.41
N LEU A 30 -6.34 5.50 3.77
CA LEU A 30 -7.38 6.26 4.45
C LEU A 30 -8.74 5.99 3.80
N LEU A 31 -8.75 5.93 2.48
CA LEU A 31 -9.99 5.67 1.74
C LEU A 31 -10.65 4.37 2.20
N HIS A 32 -9.83 3.36 2.45
CA HIS A 32 -10.34 2.07 2.90
C HIS A 32 -11.07 2.20 4.23
N THR A 33 -10.45 2.90 5.18
CA THR A 33 -11.03 3.10 6.50
C THR A 33 -12.14 4.15 6.44
N ALA A 34 -13.39 3.70 6.54
CA ALA A 34 -14.53 4.60 6.51
C ALA A 34 -15.74 3.95 7.16
N ASP A 35 -16.32 4.65 8.15
CA ASP A 35 -17.49 4.14 8.85
C ASP A 35 -18.44 5.28 9.21
N GLY A 36 -19.73 4.98 9.25
CA GLY A 36 -20.72 5.99 9.59
C GLY A 36 -22.12 5.58 9.19
ZN ZN B . -5.88 -0.07 -0.94
N GLY A 1 4.67 -16.83 -14.39
CA GLY A 1 4.10 -15.67 -13.70
C GLY A 1 3.84 -14.51 -14.65
N SER A 2 3.70 -13.31 -14.09
CA SER A 2 3.44 -12.12 -14.88
C SER A 2 4.51 -11.06 -14.64
N SER A 3 4.47 -9.99 -15.43
CA SER A 3 5.43 -8.90 -15.30
C SER A 3 5.06 -8.00 -14.13
N GLY A 4 6.00 -7.87 -13.18
CA GLY A 4 5.76 -7.03 -12.03
C GLY A 4 7.04 -6.55 -11.38
N SER A 5 6.92 -5.73 -10.34
CA SER A 5 8.07 -5.20 -9.64
C SER A 5 8.19 -5.83 -8.24
N SER A 6 9.39 -5.75 -7.66
CA SER A 6 9.63 -6.30 -6.34
C SER A 6 10.87 -5.67 -5.70
N GLY A 7 10.73 -5.24 -4.45
CA GLY A 7 11.82 -4.62 -3.75
C GLY A 7 11.37 -3.53 -2.80
N LYS A 8 10.74 -3.92 -1.69
CA LYS A 8 10.26 -2.98 -0.70
C LYS A 8 9.25 -2.02 -1.32
N THR A 9 8.26 -2.57 -2.03
CA THR A 9 7.24 -1.77 -2.67
C THR A 9 5.92 -1.84 -1.89
N HIS A 10 5.57 -0.74 -1.25
CA HIS A 10 4.34 -0.67 -0.47
C HIS A 10 3.15 -1.17 -1.28
N LEU A 11 2.67 -2.36 -0.94
CA LEU A 11 1.54 -2.95 -1.64
C LEU A 11 0.28 -2.95 -0.76
N CYS A 12 -0.86 -2.64 -1.37
CA CYS A 12 -2.13 -2.60 -0.65
C CYS A 12 -2.88 -3.92 -0.80
N ASP A 13 -2.86 -4.73 0.25
CA ASP A 13 -3.55 -6.02 0.25
C ASP A 13 -5.06 -5.83 0.21
N MET A 14 -5.51 -4.63 0.54
CA MET A 14 -6.94 -4.32 0.55
C MET A 14 -7.50 -4.38 -0.87
N CYS A 15 -6.88 -3.65 -1.79
CA CYS A 15 -7.33 -3.63 -3.17
C CYS A 15 -6.29 -4.27 -4.10
N GLY A 16 -5.02 -4.03 -3.80
CA GLY A 16 -3.96 -4.60 -4.62
C GLY A 16 -3.20 -3.54 -5.41
N LYS A 17 -3.06 -2.35 -4.81
CA LYS A 17 -2.36 -1.26 -5.47
C LYS A 17 -0.91 -1.18 -4.99
N LYS A 18 0.00 -0.91 -5.91
CA LYS A 18 1.42 -0.80 -5.58
C LYS A 18 1.86 0.67 -5.55
N PHE A 19 2.58 1.03 -4.49
CA PHE A 19 3.06 2.40 -4.33
C PHE A 19 4.55 2.41 -4.02
N LYS A 20 5.21 3.54 -4.32
CA LYS A 20 6.63 3.68 -4.07
C LYS A 20 6.90 4.80 -3.07
N SER A 21 6.04 4.90 -2.05
CA SER A 21 6.18 5.93 -1.03
C SER A 21 5.14 5.72 0.08
N LYS A 22 5.60 5.82 1.33
CA LYS A 22 4.72 5.66 2.48
C LYS A 22 3.57 6.65 2.43
N GLY A 23 3.90 7.93 2.51
CA GLY A 23 2.88 8.97 2.48
C GLY A 23 1.85 8.74 1.39
N THR A 24 2.33 8.43 0.19
CA THR A 24 1.45 8.18 -0.94
C THR A 24 0.45 7.08 -0.64
N LEU A 25 0.97 5.91 -0.28
CA LEU A 25 0.12 4.77 0.06
C LEU A 25 -0.85 5.11 1.18
N LYS A 26 -0.36 5.84 2.17
CA LYS A 26 -1.19 6.25 3.31
C LYS A 26 -2.48 6.90 2.84
N SER A 27 -2.36 8.09 2.26
CA SER A 27 -3.51 8.82 1.76
C SER A 27 -4.51 7.88 1.09
N HIS A 28 -3.98 6.89 0.38
CA HIS A 28 -4.83 5.92 -0.31
C HIS A 28 -5.47 4.96 0.67
N LYS A 29 -4.68 4.49 1.64
CA LYS A 29 -5.17 3.57 2.65
C LYS A 29 -6.33 4.17 3.43
N LEU A 30 -6.13 5.38 3.95
CA LEU A 30 -7.16 6.07 4.71
C LEU A 30 -8.53 5.90 4.04
N LEU A 31 -8.55 5.94 2.72
CA LEU A 31 -9.79 5.79 1.97
C LEU A 31 -10.51 4.49 2.35
N HIS A 32 -9.73 3.41 2.45
CA HIS A 32 -10.29 2.11 2.80
C HIS A 32 -10.95 2.16 4.18
N THR A 33 -10.24 2.72 5.15
CA THR A 33 -10.76 2.83 6.51
C THR A 33 -10.17 4.03 7.23
N ALA A 34 -11.05 4.88 7.76
CA ALA A 34 -10.62 6.08 8.47
C ALA A 34 -10.32 5.77 9.94
N ASP A 35 -9.36 6.48 10.51
CA ASP A 35 -8.99 6.28 11.91
C ASP A 35 -10.21 6.32 12.81
N GLY A 36 -10.75 5.14 13.13
CA GLY A 36 -11.91 5.06 13.98
C GLY A 36 -13.20 4.89 13.19
ZN ZN B . -5.96 -0.07 -1.39
N GLY A 1 6.21 -22.61 4.16
CA GLY A 1 6.59 -21.70 3.08
C GLY A 1 5.99 -20.32 3.25
N SER A 2 6.33 -19.67 4.35
CA SER A 2 5.82 -18.33 4.63
C SER A 2 6.66 -17.27 3.94
N SER A 3 7.97 -17.28 4.23
CA SER A 3 8.89 -16.31 3.64
C SER A 3 8.28 -14.90 3.65
N GLY A 4 7.70 -14.53 4.79
CA GLY A 4 7.10 -13.21 4.92
C GLY A 4 8.13 -12.12 5.11
N SER A 5 9.14 -12.10 4.25
CA SER A 5 10.20 -11.10 4.33
C SER A 5 10.30 -10.30 3.03
N SER A 6 10.25 -11.01 1.90
CA SER A 6 10.33 -10.37 0.60
C SER A 6 9.28 -9.27 0.46
N GLY A 7 9.70 -8.14 -0.11
CA GLY A 7 8.79 -7.02 -0.28
C GLY A 7 9.45 -5.69 -0.04
N LYS A 8 9.50 -4.86 -1.08
CA LYS A 8 10.11 -3.54 -0.98
C LYS A 8 9.11 -2.44 -1.33
N THR A 9 8.34 -2.68 -2.39
CA THR A 9 7.35 -1.71 -2.85
C THR A 9 6.09 -1.77 -1.98
N HIS A 10 5.74 -0.63 -1.37
CA HIS A 10 4.56 -0.56 -0.52
C HIS A 10 3.32 -1.07 -1.26
N LEU A 11 2.89 -2.28 -0.92
CA LEU A 11 1.72 -2.88 -1.54
C LEU A 11 0.51 -2.83 -0.60
N CYS A 12 -0.67 -2.65 -1.18
CA CYS A 12 -1.90 -2.60 -0.40
C CYS A 12 -2.67 -3.91 -0.49
N ASP A 13 -2.62 -4.71 0.57
CA ASP A 13 -3.31 -5.99 0.59
C ASP A 13 -4.81 -5.79 0.62
N MET A 14 -5.24 -4.58 0.96
CA MET A 14 -6.67 -4.25 1.02
C MET A 14 -7.29 -4.34 -0.36
N CYS A 15 -6.67 -3.69 -1.34
CA CYS A 15 -7.17 -3.69 -2.70
C CYS A 15 -6.18 -4.34 -3.65
N GLY A 16 -4.89 -4.08 -3.42
CA GLY A 16 -3.86 -4.65 -4.27
C GLY A 16 -3.15 -3.60 -5.11
N LYS A 17 -2.96 -2.41 -4.54
CA LYS A 17 -2.30 -1.32 -5.24
C LYS A 17 -0.84 -1.21 -4.82
N LYS A 18 0.03 -0.92 -5.77
CA LYS A 18 1.46 -0.77 -5.49
C LYS A 18 1.87 0.70 -5.50
N PHE A 19 2.61 1.10 -4.47
CA PHE A 19 3.07 2.48 -4.36
C PHE A 19 4.59 2.55 -4.25
N LYS A 20 5.17 3.68 -4.62
CA LYS A 20 6.62 3.87 -4.56
C LYS A 20 7.05 4.27 -3.16
N SER A 21 6.21 5.05 -2.48
CA SER A 21 6.52 5.51 -1.13
C SER A 21 5.35 5.23 -0.19
N LYS A 22 5.58 5.42 1.11
CA LYS A 22 4.54 5.20 2.11
C LYS A 22 3.55 6.35 2.13
N GLY A 23 4.06 7.56 2.29
CA GLY A 23 3.19 8.74 2.32
C GLY A 23 2.04 8.62 1.37
N THR A 24 2.33 8.35 0.10
CA THR A 24 1.30 8.22 -0.93
C THR A 24 0.34 7.09 -0.59
N LEU A 25 0.90 5.95 -0.17
CA LEU A 25 0.08 4.79 0.17
C LEU A 25 -0.86 5.12 1.33
N LYS A 26 -0.36 5.89 2.29
CA LYS A 26 -1.16 6.28 3.45
C LYS A 26 -2.46 6.96 3.02
N SER A 27 -2.33 8.12 2.37
CA SER A 27 -3.49 8.87 1.91
C SER A 27 -4.48 7.95 1.20
N HIS A 28 -3.96 6.94 0.50
CA HIS A 28 -4.80 5.99 -0.21
C HIS A 28 -5.48 5.03 0.75
N LYS A 29 -4.74 4.61 1.78
CA LYS A 29 -5.27 3.68 2.77
C LYS A 29 -6.46 4.29 3.50
N LEU A 30 -6.34 5.55 3.88
CA LEU A 30 -7.42 6.25 4.59
C LEU A 30 -8.76 5.96 3.94
N LEU A 31 -8.79 5.97 2.61
CA LEU A 31 -10.01 5.71 1.86
C LEU A 31 -10.64 4.38 2.29
N HIS A 32 -9.80 3.35 2.40
CA HIS A 32 -10.28 2.03 2.79
C HIS A 32 -10.95 2.09 4.17
N THR A 33 -10.29 2.74 5.13
CA THR A 33 -10.82 2.86 6.47
C THR A 33 -11.49 4.21 6.68
N ALA A 34 -12.23 4.66 5.66
CA ALA A 34 -12.93 5.93 5.73
C ALA A 34 -14.39 5.73 6.13
N ASP A 35 -14.76 6.27 7.28
CA ASP A 35 -16.14 6.15 7.77
C ASP A 35 -17.05 7.17 7.09
N GLY A 36 -17.85 6.69 6.14
CA GLY A 36 -18.75 7.57 5.43
C GLY A 36 -19.48 6.87 4.30
ZN ZN B . -5.73 -0.04 -1.11
N GLY A 1 18.52 -10.59 6.65
CA GLY A 1 18.06 -9.45 7.43
C GLY A 1 18.02 -8.17 6.61
N SER A 2 17.13 -7.26 6.97
CA SER A 2 17.00 -5.99 6.26
C SER A 2 18.30 -5.20 6.32
N SER A 3 18.79 -4.78 5.16
CA SER A 3 20.02 -4.01 5.08
C SER A 3 19.73 -2.51 5.06
N GLY A 4 18.78 -2.10 4.23
CA GLY A 4 18.42 -0.70 4.13
C GLY A 4 17.94 -0.32 2.75
N SER A 5 18.67 -0.75 1.72
CA SER A 5 18.31 -0.44 0.35
C SER A 5 16.81 -0.49 0.16
N SER A 6 16.25 0.60 -0.35
CA SER A 6 14.81 0.69 -0.58
C SER A 6 14.40 -0.12 -1.80
N GLY A 7 14.17 -1.41 -1.60
CA GLY A 7 13.78 -2.28 -2.69
C GLY A 7 12.31 -2.65 -2.65
N LYS A 8 11.84 -3.08 -1.48
CA LYS A 8 10.44 -3.45 -1.30
C LYS A 8 9.52 -2.34 -1.77
N THR A 9 8.33 -2.73 -2.23
CA THR A 9 7.35 -1.77 -2.71
C THR A 9 6.09 -1.80 -1.85
N HIS A 10 5.72 -0.64 -1.31
CA HIS A 10 4.53 -0.52 -0.48
C HIS A 10 3.29 -1.01 -1.22
N LEU A 11 2.80 -2.18 -0.84
CA LEU A 11 1.62 -2.75 -1.47
C LEU A 11 0.42 -2.71 -0.54
N CYS A 12 -0.78 -2.55 -1.11
CA CYS A 12 -2.00 -2.50 -0.32
C CYS A 12 -2.77 -3.81 -0.41
N ASP A 13 -2.73 -4.59 0.67
CA ASP A 13 -3.42 -5.87 0.71
C ASP A 13 -4.93 -5.68 0.73
N MET A 14 -5.36 -4.45 1.05
CA MET A 14 -6.78 -4.14 1.09
C MET A 14 -7.42 -4.29 -0.28
N CYS A 15 -6.82 -3.66 -1.29
CA CYS A 15 -7.34 -3.74 -2.64
C CYS A 15 -6.32 -4.39 -3.58
N GLY A 16 -5.05 -4.08 -3.37
CA GLY A 16 -4.01 -4.64 -4.20
C GLY A 16 -3.30 -3.60 -5.04
N LYS A 17 -3.07 -2.43 -4.46
CA LYS A 17 -2.40 -1.34 -5.16
C LYS A 17 -0.94 -1.21 -4.73
N LYS A 18 -0.07 -0.89 -5.68
CA LYS A 18 1.34 -0.74 -5.39
C LYS A 18 1.74 0.73 -5.40
N PHE A 19 2.56 1.12 -4.42
CA PHE A 19 3.02 2.50 -4.32
C PHE A 19 4.55 2.55 -4.23
N LYS A 20 5.11 3.71 -4.59
CA LYS A 20 6.55 3.89 -4.56
C LYS A 20 7.02 4.29 -3.15
N SER A 21 6.19 5.08 -2.48
CA SER A 21 6.52 5.53 -1.12
C SER A 21 5.38 5.25 -0.16
N LYS A 22 5.63 5.46 1.13
CA LYS A 22 4.61 5.22 2.15
C LYS A 22 3.59 6.35 2.17
N GLY A 23 4.07 7.57 2.37
CA GLY A 23 3.18 8.72 2.41
C GLY A 23 2.05 8.62 1.41
N THR A 24 2.42 8.43 0.15
CA THR A 24 1.44 8.32 -0.93
C THR A 24 0.43 7.21 -0.63
N LEU A 25 0.92 6.06 -0.20
CA LEU A 25 0.06 4.93 0.11
C LEU A 25 -0.88 5.26 1.27
N LYS A 26 -0.34 5.92 2.29
CA LYS A 26 -1.14 6.30 3.45
C LYS A 26 -2.41 7.03 3.02
N SER A 27 -2.25 8.06 2.20
CA SER A 27 -3.39 8.84 1.72
C SER A 27 -4.43 7.94 1.07
N HIS A 28 -3.97 6.89 0.40
CA HIS A 28 -4.86 5.95 -0.26
C HIS A 28 -5.55 5.05 0.76
N LYS A 29 -4.74 4.33 1.55
CA LYS A 29 -5.28 3.44 2.57
C LYS A 29 -6.44 4.09 3.32
N LEU A 30 -6.19 5.27 3.85
CA LEU A 30 -7.21 6.00 4.60
C LEU A 30 -8.59 5.82 3.97
N LEU A 31 -8.62 5.85 2.63
CA LEU A 31 -9.87 5.70 1.90
C LEU A 31 -10.62 4.44 2.36
N HIS A 32 -9.90 3.33 2.45
CA HIS A 32 -10.49 2.07 2.89
C HIS A 32 -11.25 2.25 4.20
N THR A 33 -10.62 2.92 5.16
CA THR A 33 -11.23 3.16 6.45
C THR A 33 -12.21 4.33 6.40
N ALA A 34 -13.43 4.09 6.86
CA ALA A 34 -14.46 5.12 6.86
C ALA A 34 -14.23 6.11 8.00
N ASP A 35 -15.09 7.14 8.06
CA ASP A 35 -14.99 8.16 9.10
C ASP A 35 -14.67 7.52 10.46
N GLY A 36 -14.13 8.33 11.37
CA GLY A 36 -13.80 7.84 12.69
C GLY A 36 -15.01 7.74 13.60
ZN ZN B . -6.04 -0.15 -0.98
N GLY A 1 19.19 -11.66 -9.44
CA GLY A 1 18.67 -12.75 -10.26
C GLY A 1 17.41 -13.35 -9.68
N SER A 2 17.53 -14.01 -8.54
CA SER A 2 16.40 -14.65 -7.88
C SER A 2 15.97 -13.87 -6.65
N SER A 3 16.93 -13.63 -5.75
CA SER A 3 16.65 -12.89 -4.52
C SER A 3 16.31 -11.44 -4.83
N GLY A 4 15.79 -10.73 -3.83
CA GLY A 4 15.42 -9.34 -4.00
C GLY A 4 16.61 -8.48 -4.40
N SER A 5 16.38 -7.50 -5.26
CA SER A 5 17.44 -6.61 -5.72
C SER A 5 17.09 -5.16 -5.43
N SER A 6 15.85 -4.77 -5.76
CA SER A 6 15.40 -3.41 -5.54
C SER A 6 14.91 -3.23 -4.11
N GLY A 7 14.08 -4.17 -3.64
CA GLY A 7 13.56 -4.09 -2.29
C GLY A 7 12.05 -4.20 -2.25
N LYS A 8 11.50 -4.35 -1.05
CA LYS A 8 10.05 -4.46 -0.89
C LYS A 8 9.34 -3.23 -1.44
N THR A 9 8.06 -3.38 -1.74
CA THR A 9 7.26 -2.28 -2.28
C THR A 9 5.91 -2.17 -1.57
N HIS A 10 5.59 -0.97 -1.11
CA HIS A 10 4.33 -0.73 -0.41
C HIS A 10 3.14 -1.18 -1.27
N LEU A 11 2.61 -2.36 -0.95
CA LEU A 11 1.48 -2.90 -1.69
C LEU A 11 0.24 -3.00 -0.80
N CYS A 12 -0.89 -2.52 -1.30
CA CYS A 12 -2.14 -2.56 -0.55
C CYS A 12 -2.81 -3.92 -0.69
N ASP A 13 -3.40 -4.40 0.39
CA ASP A 13 -4.08 -5.69 0.39
C ASP A 13 -5.59 -5.51 0.24
N MET A 14 -6.06 -4.28 0.46
CA MET A 14 -7.48 -3.98 0.35
C MET A 14 -7.92 -4.00 -1.10
N CYS A 15 -7.15 -3.36 -1.97
CA CYS A 15 -7.46 -3.30 -3.39
C CYS A 15 -6.37 -3.97 -4.21
N GLY A 16 -5.12 -3.69 -3.87
CA GLY A 16 -4.01 -4.27 -4.59
C GLY A 16 -3.19 -3.24 -5.34
N LYS A 17 -3.13 -2.02 -4.79
CA LYS A 17 -2.38 -0.94 -5.42
C LYS A 17 -0.94 -0.95 -4.94
N LYS A 18 -0.02 -0.65 -5.86
CA LYS A 18 1.40 -0.61 -5.53
C LYS A 18 1.91 0.83 -5.43
N PHE A 19 2.69 1.10 -4.39
CA PHE A 19 3.23 2.44 -4.17
C PHE A 19 4.72 2.38 -3.85
N LYS A 20 5.44 3.44 -4.18
CA LYS A 20 6.87 3.50 -3.93
C LYS A 20 7.15 4.20 -2.60
N SER A 21 6.32 5.17 -2.26
CA SER A 21 6.48 5.92 -1.02
C SER A 21 5.38 5.55 -0.02
N LYS A 22 5.62 5.87 1.25
CA LYS A 22 4.66 5.57 2.31
C LYS A 22 3.52 6.59 2.31
N GLY A 23 3.88 7.87 2.31
CA GLY A 23 2.88 8.92 2.31
C GLY A 23 1.81 8.69 1.26
N THR A 24 2.23 8.35 0.06
CA THR A 24 1.30 8.11 -1.05
C THR A 24 0.34 6.98 -0.71
N LEU A 25 0.88 5.86 -0.25
CA LEU A 25 0.07 4.71 0.11
C LEU A 25 -0.85 5.02 1.29
N LYS A 26 -0.38 5.91 2.17
CA LYS A 26 -1.15 6.30 3.34
C LYS A 26 -2.44 7.00 2.93
N SER A 27 -2.32 8.14 2.26
CA SER A 27 -3.47 8.90 1.81
C SER A 27 -4.48 7.99 1.10
N HIS A 28 -3.97 6.94 0.47
CA HIS A 28 -4.83 5.99 -0.24
C HIS A 28 -5.50 5.03 0.73
N LYS A 29 -4.70 4.44 1.61
CA LYS A 29 -5.21 3.50 2.60
C LYS A 29 -6.35 4.11 3.41
N LEU A 30 -6.12 5.31 3.92
CA LEU A 30 -7.13 6.02 4.71
C LEU A 30 -8.51 5.86 4.08
N LEU A 31 -8.58 5.96 2.77
CA LEU A 31 -9.84 5.82 2.05
C LEU A 31 -10.50 4.48 2.36
N HIS A 32 -9.69 3.43 2.41
CA HIS A 32 -10.20 2.10 2.70
C HIS A 32 -10.83 2.04 4.09
N THR A 33 -10.15 2.64 5.06
CA THR A 33 -10.65 2.66 6.44
C THR A 33 -11.57 3.84 6.67
N ALA A 34 -12.45 4.11 5.70
CA ALA A 34 -13.40 5.21 5.81
C ALA A 34 -14.39 4.98 6.95
N ASP A 35 -14.93 3.77 7.02
CA ASP A 35 -15.89 3.42 8.07
C ASP A 35 -15.84 1.92 8.36
N GLY A 36 -15.66 1.59 9.63
CA GLY A 36 -15.61 0.19 10.03
C GLY A 36 -15.69 0.00 11.53
ZN ZN B . -6.05 -0.05 -1.50
N GLY A 1 -2.40 -19.84 1.34
CA GLY A 1 -1.21 -19.10 1.73
C GLY A 1 -1.23 -17.68 1.25
N SER A 2 -1.11 -16.73 2.18
CA SER A 2 -1.11 -15.31 1.85
C SER A 2 0.04 -14.59 2.54
N SER A 3 1.00 -14.12 1.76
CA SER A 3 2.15 -13.41 2.30
C SER A 3 2.57 -12.26 1.38
N GLY A 4 3.34 -11.34 1.92
CA GLY A 4 3.79 -10.21 1.14
C GLY A 4 5.01 -10.53 0.29
N SER A 5 5.95 -9.61 0.22
CA SER A 5 7.17 -9.80 -0.57
C SER A 5 8.24 -8.78 -0.18
N SER A 6 9.48 -9.24 -0.11
CA SER A 6 10.60 -8.37 0.25
C SER A 6 10.45 -7.00 -0.41
N GLY A 7 10.00 -7.01 -1.66
CA GLY A 7 9.82 -5.76 -2.39
C GLY A 7 9.37 -4.62 -1.50
N LYS A 8 10.22 -3.63 -1.33
CA LYS A 8 9.90 -2.47 -0.49
C LYS A 8 8.62 -1.79 -0.97
N THR A 9 8.36 -1.88 -2.27
CA THR A 9 7.17 -1.28 -2.86
C THR A 9 5.96 -1.46 -1.95
N HIS A 10 5.53 -0.37 -1.32
CA HIS A 10 4.38 -0.41 -0.42
C HIS A 10 3.14 -0.90 -1.15
N LEU A 11 2.82 -2.17 -0.95
CA LEU A 11 1.64 -2.77 -1.60
C LEU A 11 0.44 -2.75 -0.66
N CYS A 12 -0.72 -2.42 -1.21
CA CYS A 12 -1.95 -2.36 -0.43
C CYS A 12 -2.62 -3.73 -0.36
N ASP A 13 -2.64 -4.32 0.83
CA ASP A 13 -3.25 -5.63 1.02
C ASP A 13 -4.75 -5.50 1.24
N MET A 14 -5.36 -4.52 0.58
CA MET A 14 -6.79 -4.29 0.71
C MET A 14 -7.46 -4.26 -0.67
N CYS A 15 -6.73 -3.74 -1.66
CA CYS A 15 -7.25 -3.65 -3.01
C CYS A 15 -6.26 -4.23 -4.02
N GLY A 16 -4.98 -4.06 -3.73
CA GLY A 16 -3.94 -4.58 -4.61
C GLY A 16 -3.24 -3.47 -5.39
N LYS A 17 -2.98 -2.36 -4.72
CA LYS A 17 -2.32 -1.23 -5.35
C LYS A 17 -0.90 -1.05 -4.81
N LYS A 18 0.07 -0.91 -5.72
CA LYS A 18 1.47 -0.74 -5.34
C LYS A 18 1.84 0.74 -5.32
N PHE A 19 2.55 1.15 -4.27
CA PHE A 19 2.99 2.53 -4.13
C PHE A 19 4.51 2.63 -4.05
N LYS A 20 5.03 3.80 -4.40
CA LYS A 20 6.47 4.02 -4.36
C LYS A 20 6.85 5.00 -3.25
N SER A 21 5.88 5.35 -2.43
CA SER A 21 6.11 6.27 -1.32
C SER A 21 5.15 5.98 -0.16
N LYS A 22 5.72 5.64 0.99
CA LYS A 22 4.93 5.34 2.18
C LYS A 22 3.90 6.43 2.43
N GLY A 23 4.17 7.63 1.93
CA GLY A 23 3.25 8.74 2.11
C GLY A 23 2.06 8.67 1.18
N THR A 24 2.30 8.24 -0.06
CA THR A 24 1.24 8.12 -1.05
C THR A 24 0.29 6.98 -0.71
N LEU A 25 0.84 5.89 -0.20
CA LEU A 25 0.03 4.74 0.17
C LEU A 25 -0.86 5.05 1.36
N LYS A 26 -0.34 5.84 2.29
CA LYS A 26 -1.09 6.22 3.49
C LYS A 26 -2.36 6.98 3.10
N SER A 27 -2.20 8.03 2.31
CA SER A 27 -3.33 8.84 1.89
C SER A 27 -4.39 7.97 1.21
N HIS A 28 -3.96 6.91 0.56
CA HIS A 28 -4.86 6.00 -0.13
C HIS A 28 -5.55 5.07 0.87
N LYS A 29 -4.76 4.34 1.64
CA LYS A 29 -5.29 3.41 2.64
C LYS A 29 -6.46 4.03 3.38
N LEU A 30 -6.25 5.22 3.94
CA LEU A 30 -7.29 5.92 4.68
C LEU A 30 -8.64 5.79 3.99
N LEU A 31 -8.64 5.91 2.67
CA LEU A 31 -9.86 5.80 1.88
C LEU A 31 -10.63 4.53 2.25
N HIS A 32 -9.91 3.41 2.33
CA HIS A 32 -10.53 2.13 2.68
C HIS A 32 -11.41 2.28 3.92
N THR A 33 -10.91 3.02 4.91
CA THR A 33 -11.65 3.23 6.15
C THR A 33 -12.36 4.57 6.14
N ALA A 34 -13.39 4.70 6.98
CA ALA A 34 -14.16 5.94 7.06
C ALA A 34 -13.64 6.81 8.20
N ASP A 35 -12.32 6.92 8.31
CA ASP A 35 -11.70 7.73 9.36
C ASP A 35 -12.28 9.14 9.36
N GLY A 36 -12.28 9.78 8.19
CA GLY A 36 -12.80 11.12 8.08
C GLY A 36 -13.79 11.27 6.95
ZN ZN B . -6.14 -0.10 -1.24
N GLY A 1 -0.93 -18.46 2.00
CA GLY A 1 -1.63 -18.36 0.73
C GLY A 1 -0.68 -18.24 -0.44
N SER A 2 -0.09 -17.06 -0.62
CA SER A 2 0.84 -16.83 -1.71
C SER A 2 2.27 -16.70 -1.20
N SER A 3 3.24 -16.96 -2.07
CA SER A 3 4.64 -16.87 -1.69
C SER A 3 5.39 -15.90 -2.60
N GLY A 4 6.01 -14.89 -2.01
CA GLY A 4 6.75 -13.90 -2.78
C GLY A 4 7.79 -13.18 -1.95
N SER A 5 8.63 -12.39 -2.61
CA SER A 5 9.67 -11.65 -1.93
C SER A 5 9.26 -10.19 -1.74
N SER A 6 8.01 -9.97 -1.35
CA SER A 6 7.50 -8.62 -1.14
C SER A 6 8.09 -8.01 0.12
N GLY A 7 7.79 -6.73 0.34
CA GLY A 7 8.30 -6.05 1.52
C GLY A 7 8.89 -4.69 1.17
N LYS A 8 9.61 -4.62 0.07
CA LYS A 8 10.23 -3.36 -0.37
C LYS A 8 9.18 -2.39 -0.90
N THR A 9 8.48 -2.80 -1.95
CA THR A 9 7.45 -1.97 -2.55
C THR A 9 6.18 -1.97 -1.71
N HIS A 10 5.68 -0.78 -1.40
CA HIS A 10 4.46 -0.66 -0.59
C HIS A 10 3.25 -1.17 -1.36
N LEU A 11 2.78 -2.35 -0.98
CA LEU A 11 1.62 -2.96 -1.62
C LEU A 11 0.42 -2.97 -0.69
N CYS A 12 -0.73 -2.49 -1.20
CA CYS A 12 -1.95 -2.44 -0.42
C CYS A 12 -2.61 -3.81 -0.36
N ASP A 13 -2.65 -4.41 0.83
CA ASP A 13 -3.26 -5.71 1.02
C ASP A 13 -4.76 -5.59 1.24
N MET A 14 -5.38 -4.62 0.56
CA MET A 14 -6.81 -4.41 0.68
C MET A 14 -7.47 -4.33 -0.70
N CYS A 15 -6.79 -3.70 -1.64
CA CYS A 15 -7.30 -3.56 -3.00
C CYS A 15 -6.34 -4.17 -4.01
N GLY A 16 -5.05 -4.09 -3.72
CA GLY A 16 -4.05 -4.64 -4.61
C GLY A 16 -3.33 -3.57 -5.41
N LYS A 17 -2.97 -2.47 -4.76
CA LYS A 17 -2.29 -1.37 -5.43
C LYS A 17 -0.84 -1.27 -4.95
N LYS A 18 0.06 -0.97 -5.88
CA LYS A 18 1.47 -0.84 -5.56
C LYS A 18 1.90 0.62 -5.55
N PHE A 19 2.65 1.01 -4.53
CA PHE A 19 3.13 2.39 -4.41
C PHE A 19 4.63 2.42 -4.21
N LYS A 20 5.25 3.56 -4.54
CA LYS A 20 6.68 3.72 -4.40
C LYS A 20 7.01 4.73 -3.29
N SER A 21 6.09 4.87 -2.35
CA SER A 21 6.26 5.79 -1.23
C SER A 21 5.31 5.46 -0.09
N LYS A 22 5.63 5.97 1.10
CA LYS A 22 4.79 5.74 2.28
C LYS A 22 3.60 6.68 2.30
N GLY A 23 3.88 7.98 2.35
CA GLY A 23 2.82 8.97 2.38
C GLY A 23 1.77 8.72 1.33
N THR A 24 2.20 8.38 0.12
CA THR A 24 1.28 8.11 -0.98
C THR A 24 0.35 6.96 -0.64
N LEU A 25 0.92 5.85 -0.18
CA LEU A 25 0.12 4.67 0.18
C LEU A 25 -0.77 4.97 1.37
N LYS A 26 -0.26 5.74 2.32
CA LYS A 26 -1.01 6.10 3.51
C LYS A 26 -2.26 6.89 3.14
N SER A 27 -2.08 7.99 2.42
CA SER A 27 -3.20 8.84 2.01
C SER A 27 -4.25 8.01 1.27
N HIS A 28 -3.81 6.94 0.63
CA HIS A 28 -4.72 6.08 -0.11
C HIS A 28 -5.48 5.15 0.84
N LYS A 29 -4.75 4.51 1.75
CA LYS A 29 -5.34 3.61 2.71
C LYS A 29 -6.53 4.24 3.40
N LEU A 30 -6.35 5.48 3.86
CA LEU A 30 -7.42 6.21 4.55
C LEU A 30 -8.76 5.97 3.86
N LEU A 31 -8.74 5.91 2.53
CA LEU A 31 -9.96 5.68 1.76
C LEU A 31 -10.68 4.42 2.23
N HIS A 32 -9.92 3.35 2.43
CA HIS A 32 -10.48 2.09 2.88
C HIS A 32 -11.16 2.25 4.24
N THR A 33 -10.47 2.89 5.16
CA THR A 33 -11.00 3.11 6.50
C THR A 33 -12.06 4.20 6.50
N ALA A 34 -13.31 3.83 6.78
CA ALA A 34 -14.41 4.77 6.81
C ALA A 34 -14.17 5.85 7.85
N ASP A 35 -14.36 7.11 7.44
CA ASP A 35 -14.16 8.24 8.35
C ASP A 35 -15.32 9.23 8.23
N GLY A 36 -15.61 9.92 9.32
CA GLY A 36 -16.69 10.89 9.32
C GLY A 36 -16.70 11.74 8.07
ZN ZN B . -5.99 0.12 -1.17
N GLY A 1 10.50 -20.07 -2.48
CA GLY A 1 10.52 -20.26 -3.92
C GLY A 1 9.22 -19.83 -4.58
N SER A 2 8.90 -18.54 -4.47
CA SER A 2 7.68 -18.01 -5.06
C SER A 2 7.85 -16.53 -5.41
N SER A 3 7.63 -16.20 -6.68
CA SER A 3 7.76 -14.82 -7.15
C SER A 3 6.66 -13.95 -6.55
N GLY A 4 6.98 -12.67 -6.35
CA GLY A 4 6.01 -11.75 -5.79
C GLY A 4 6.44 -10.31 -5.93
N SER A 5 7.69 -10.02 -5.58
CA SER A 5 8.21 -8.66 -5.66
C SER A 5 9.74 -8.69 -5.84
N SER A 6 10.30 -7.52 -6.12
CA SER A 6 11.74 -7.40 -6.32
C SER A 6 12.41 -6.79 -5.10
N GLY A 7 11.93 -5.62 -4.68
CA GLY A 7 12.50 -4.94 -3.53
C GLY A 7 11.46 -4.70 -2.44
N LYS A 8 11.46 -3.48 -1.91
CA LYS A 8 10.53 -3.11 -0.85
C LYS A 8 9.54 -2.06 -1.35
N THR A 9 8.51 -2.51 -2.07
CA THR A 9 7.50 -1.60 -2.61
C THR A 9 6.22 -1.67 -1.78
N HIS A 10 5.79 -0.52 -1.25
CA HIS A 10 4.57 -0.46 -0.46
C HIS A 10 3.38 -1.00 -1.23
N LEU A 11 2.86 -2.14 -0.78
CA LEU A 11 1.72 -2.77 -1.42
C LEU A 11 0.50 -2.77 -0.51
N CYS A 12 -0.67 -2.49 -1.08
CA CYS A 12 -1.91 -2.46 -0.32
C CYS A 12 -2.59 -3.83 -0.32
N ASP A 13 -2.87 -4.34 0.87
CA ASP A 13 -3.51 -5.64 1.02
C ASP A 13 -5.02 -5.49 1.01
N MET A 14 -5.50 -4.26 0.84
CA MET A 14 -6.93 -3.99 0.81
C MET A 14 -7.49 -4.15 -0.60
N CYS A 15 -6.81 -3.53 -1.57
CA CYS A 15 -7.24 -3.60 -2.96
C CYS A 15 -6.15 -4.25 -3.83
N GLY A 16 -4.90 -4.10 -3.40
CA GLY A 16 -3.79 -4.67 -4.15
C GLY A 16 -3.05 -3.63 -4.97
N LYS A 17 -3.11 -2.38 -4.52
CA LYS A 17 -2.44 -1.29 -5.22
C LYS A 17 -0.99 -1.15 -4.74
N LYS A 18 -0.10 -0.86 -5.67
CA LYS A 18 1.32 -0.69 -5.35
C LYS A 18 1.71 0.79 -5.35
N PHE A 19 2.56 1.16 -4.40
CA PHE A 19 3.02 2.55 -4.30
C PHE A 19 4.53 2.61 -4.14
N LYS A 20 5.13 3.72 -4.58
CA LYS A 20 6.57 3.91 -4.50
C LYS A 20 6.98 4.29 -3.07
N SER A 21 6.23 5.20 -2.47
CA SER A 21 6.53 5.65 -1.11
C SER A 21 5.37 5.31 -0.18
N LYS A 22 5.61 5.47 1.12
CA LYS A 22 4.60 5.18 2.13
C LYS A 22 3.52 6.27 2.13
N GLY A 23 3.92 7.49 2.43
CA GLY A 23 2.98 8.60 2.47
C GLY A 23 1.93 8.50 1.37
N THR A 24 2.39 8.33 0.14
CA THR A 24 1.48 8.23 -1.00
C THR A 24 0.44 7.14 -0.78
N LEU A 25 0.90 5.98 -0.30
CA LEU A 25 0.01 4.85 -0.05
C LEU A 25 -0.90 5.13 1.15
N LYS A 26 -0.37 5.85 2.13
CA LYS A 26 -1.13 6.19 3.32
C LYS A 26 -2.39 6.98 2.96
N SER A 27 -2.21 8.07 2.21
CA SER A 27 -3.31 8.91 1.80
C SER A 27 -4.35 8.10 1.02
N HIS A 28 -3.94 6.90 0.57
CA HIS A 28 -4.84 6.03 -0.18
C HIS A 28 -5.54 5.04 0.74
N LYS A 29 -4.77 4.41 1.63
CA LYS A 29 -5.32 3.44 2.57
C LYS A 29 -6.42 4.07 3.42
N LEU A 30 -6.22 5.32 3.82
CA LEU A 30 -7.19 6.04 4.63
C LEU A 30 -8.59 5.90 4.04
N LEU A 31 -8.68 5.92 2.71
CA LEU A 31 -9.95 5.80 2.03
C LEU A 31 -10.64 4.49 2.39
N HIS A 32 -9.88 3.41 2.42
CA HIS A 32 -10.41 2.10 2.76
C HIS A 32 -11.12 2.13 4.10
N THR A 33 -10.45 2.67 5.11
CA THR A 33 -11.01 2.77 6.45
C THR A 33 -12.15 3.78 6.51
N ALA A 34 -12.01 4.85 5.73
CA ALA A 34 -13.03 5.89 5.69
C ALA A 34 -13.25 6.51 7.06
N ASP A 35 -12.15 6.81 7.74
CA ASP A 35 -12.22 7.41 9.07
C ASP A 35 -12.00 8.92 9.00
N GLY A 36 -10.98 9.34 8.25
CA GLY A 36 -10.69 10.75 8.11
C GLY A 36 -11.64 11.45 7.16
ZN ZN B . -5.90 -0.03 -1.29
N GLY A 1 16.24 -16.47 0.43
CA GLY A 1 15.73 -15.24 -0.14
C GLY A 1 16.25 -14.01 0.57
N SER A 2 17.56 -13.78 0.46
CA SER A 2 18.19 -12.63 1.11
C SER A 2 19.11 -11.90 0.13
N SER A 3 18.83 -10.63 -0.10
CA SER A 3 19.63 -9.81 -1.01
C SER A 3 19.42 -8.32 -0.73
N GLY A 4 20.25 -7.49 -1.35
CA GLY A 4 20.14 -6.06 -1.17
C GLY A 4 19.32 -5.40 -2.26
N SER A 5 18.25 -6.05 -2.67
CA SER A 5 17.38 -5.52 -3.71
C SER A 5 16.46 -4.44 -3.16
N SER A 6 16.67 -3.20 -3.59
CA SER A 6 15.87 -2.08 -3.13
C SER A 6 14.60 -1.94 -3.97
N GLY A 7 13.54 -2.64 -3.56
CA GLY A 7 12.30 -2.58 -4.27
C GLY A 7 11.11 -2.99 -3.42
N LYS A 8 11.07 -2.49 -2.20
CA LYS A 8 9.99 -2.80 -1.27
C LYS A 8 8.78 -1.91 -1.52
N THR A 9 8.39 -1.79 -2.79
CA THR A 9 7.24 -0.96 -3.16
C THR A 9 6.08 -1.18 -2.21
N HIS A 10 5.76 -0.15 -1.42
CA HIS A 10 4.66 -0.23 -0.47
C HIS A 10 3.37 -0.69 -1.15
N LEU A 11 3.01 -1.95 -0.95
CA LEU A 11 1.80 -2.50 -1.56
C LEU A 11 0.64 -2.48 -0.57
N CYS A 12 -0.57 -2.32 -1.09
CA CYS A 12 -1.76 -2.28 -0.25
C CYS A 12 -2.40 -3.67 -0.16
N ASP A 13 -2.43 -4.23 1.05
CA ASP A 13 -3.01 -5.54 1.27
C ASP A 13 -4.51 -5.44 1.50
N MET A 14 -5.14 -4.46 0.85
CA MET A 14 -6.58 -4.25 0.99
C MET A 14 -7.26 -4.29 -0.38
N CYS A 15 -6.61 -3.71 -1.38
CA CYS A 15 -7.15 -3.69 -2.73
C CYS A 15 -6.16 -4.27 -3.73
N GLY A 16 -4.87 -4.10 -3.45
CA GLY A 16 -3.84 -4.61 -4.33
C GLY A 16 -3.18 -3.51 -5.15
N LYS A 17 -2.87 -2.40 -4.50
CA LYS A 17 -2.24 -1.28 -5.17
C LYS A 17 -0.79 -1.12 -4.71
N LYS A 18 0.10 -0.90 -5.67
CA LYS A 18 1.53 -0.74 -5.37
C LYS A 18 1.90 0.74 -5.32
N PHE A 19 2.62 1.13 -4.28
CA PHE A 19 3.05 2.52 -4.12
C PHE A 19 4.56 2.61 -3.93
N LYS A 20 5.19 3.55 -4.65
CA LYS A 20 6.63 3.73 -4.56
C LYS A 20 7.04 4.14 -3.16
N SER A 21 6.24 5.02 -2.54
CA SER A 21 6.52 5.50 -1.19
C SER A 21 5.39 5.13 -0.24
N LYS A 22 5.68 5.23 1.06
CA LYS A 22 4.68 4.90 2.08
C LYS A 22 3.71 6.06 2.28
N GLY A 23 4.17 7.28 1.99
CA GLY A 23 3.33 8.44 2.14
C GLY A 23 2.14 8.43 1.20
N THR A 24 2.40 8.16 -0.08
CA THR A 24 1.36 8.12 -1.09
C THR A 24 0.34 7.02 -0.78
N LEU A 25 0.84 5.88 -0.33
CA LEU A 25 -0.02 4.75 0.01
C LEU A 25 -0.93 5.08 1.18
N LYS A 26 -0.36 5.75 2.19
CA LYS A 26 -1.12 6.13 3.37
C LYS A 26 -2.38 6.91 2.98
N SER A 27 -2.19 8.07 2.37
CA SER A 27 -3.30 8.91 1.94
C SER A 27 -4.38 8.08 1.26
N HIS A 28 -3.96 6.99 0.62
CA HIS A 28 -4.89 6.11 -0.08
C HIS A 28 -5.60 5.18 0.90
N LYS A 29 -4.83 4.49 1.72
CA LYS A 29 -5.39 3.57 2.71
C LYS A 29 -6.58 4.20 3.43
N LEU A 30 -6.39 5.44 3.88
CA LEU A 30 -7.44 6.15 4.59
C LEU A 30 -8.80 5.92 3.92
N LEU A 31 -8.80 5.87 2.60
CA LEU A 31 -10.03 5.65 1.84
C LEU A 31 -10.76 4.41 2.34
N HIS A 32 -10.02 3.31 2.49
CA HIS A 32 -10.60 2.06 2.95
C HIS A 32 -11.40 2.28 4.23
N THR A 33 -10.77 2.90 5.23
CA THR A 33 -11.43 3.17 6.50
C THR A 33 -12.48 4.26 6.36
N ALA A 34 -13.72 3.85 6.08
CA ALA A 34 -14.82 4.80 5.91
C ALA A 34 -15.73 4.79 7.14
N ASP A 35 -15.13 4.73 8.32
CA ASP A 35 -15.88 4.71 9.56
C ASP A 35 -15.54 5.92 10.43
N GLY A 36 -16.55 6.50 11.06
CA GLY A 36 -16.33 7.66 11.91
C GLY A 36 -15.45 8.69 11.25
ZN ZN B . -5.92 -0.05 -0.92
N GLY A 1 4.74 -17.74 -5.39
CA GLY A 1 6.06 -18.10 -5.89
C GLY A 1 7.09 -17.02 -5.66
N SER A 2 7.44 -16.81 -4.40
CA SER A 2 8.42 -15.78 -4.05
C SER A 2 9.62 -16.40 -3.33
N SER A 3 10.56 -16.93 -4.12
CA SER A 3 11.75 -17.56 -3.57
C SER A 3 13.00 -16.78 -3.98
N GLY A 4 13.12 -16.50 -5.27
CA GLY A 4 14.27 -15.77 -5.76
C GLY A 4 14.57 -14.53 -4.94
N SER A 5 13.94 -13.42 -5.29
CA SER A 5 14.14 -12.16 -4.59
C SER A 5 12.85 -11.69 -3.93
N SER A 6 12.96 -10.66 -3.09
CA SER A 6 11.80 -10.11 -2.40
C SER A 6 11.48 -8.70 -2.89
N GLY A 7 10.31 -8.21 -2.54
CA GLY A 7 9.90 -6.88 -2.95
C GLY A 7 9.92 -5.88 -1.81
N LYS A 8 9.85 -4.59 -2.14
CA LYS A 8 9.86 -3.54 -1.14
C LYS A 8 8.72 -2.56 -1.37
N THR A 9 8.38 -2.33 -2.64
CA THR A 9 7.31 -1.41 -2.99
C THR A 9 6.09 -1.61 -2.08
N HIS A 10 5.71 -0.56 -1.39
CA HIS A 10 4.55 -0.61 -0.49
C HIS A 10 3.30 -1.05 -1.25
N LEU A 11 2.89 -2.29 -1.02
CA LEU A 11 1.70 -2.83 -1.68
C LEU A 11 0.53 -2.90 -0.71
N CYS A 12 -0.67 -2.58 -1.20
CA CYS A 12 -1.87 -2.62 -0.38
C CYS A 12 -2.48 -4.01 -0.37
N ASP A 13 -2.93 -4.45 0.79
CA ASP A 13 -3.54 -5.76 0.94
C ASP A 13 -5.06 -5.67 0.90
N MET A 14 -5.57 -4.45 0.96
CA MET A 14 -7.01 -4.22 0.91
C MET A 14 -7.54 -4.36 -0.51
N CYS A 15 -6.94 -3.63 -1.44
CA CYS A 15 -7.36 -3.68 -2.84
C CYS A 15 -6.28 -4.33 -3.70
N GLY A 16 -5.02 -4.05 -3.39
CA GLY A 16 -3.92 -4.62 -4.14
C GLY A 16 -3.18 -3.58 -4.96
N LYS A 17 -3.23 -2.34 -4.51
CA LYS A 17 -2.56 -1.24 -5.20
C LYS A 17 -1.13 -1.08 -4.72
N LYS A 18 -0.20 -0.93 -5.66
CA LYS A 18 1.21 -0.77 -5.34
C LYS A 18 1.60 0.70 -5.33
N PHE A 19 2.38 1.10 -4.33
CA PHE A 19 2.83 2.49 -4.21
C PHE A 19 4.32 2.55 -3.91
N LYS A 20 5.02 3.48 -4.56
CA LYS A 20 6.45 3.65 -4.36
C LYS A 20 6.73 4.78 -3.37
N SER A 21 5.88 4.88 -2.35
CA SER A 21 6.05 5.92 -1.33
C SER A 21 5.10 5.68 -0.16
N LYS A 22 5.63 5.74 1.06
CA LYS A 22 4.84 5.53 2.26
C LYS A 22 3.71 6.55 2.34
N GLY A 23 4.06 7.83 2.36
CA GLY A 23 3.06 8.88 2.44
C GLY A 23 1.95 8.69 1.43
N THR A 24 2.32 8.40 0.19
CA THR A 24 1.35 8.20 -0.87
C THR A 24 0.39 7.07 -0.54
N LEU A 25 0.94 5.91 -0.20
CA LEU A 25 0.14 4.75 0.15
C LEU A 25 -0.83 5.07 1.28
N LYS A 26 -0.36 5.85 2.26
CA LYS A 26 -1.18 6.24 3.39
C LYS A 26 -2.47 6.91 2.93
N SER A 27 -2.33 8.04 2.25
CA SER A 27 -3.48 8.78 1.74
C SER A 27 -4.46 7.85 1.04
N HIS A 28 -3.93 6.80 0.42
CA HIS A 28 -4.75 5.83 -0.29
C HIS A 28 -5.47 4.90 0.69
N LYS A 29 -4.71 4.35 1.62
CA LYS A 29 -5.25 3.44 2.62
C LYS A 29 -6.39 4.10 3.39
N LEU A 30 -6.14 5.31 3.88
CA LEU A 30 -7.14 6.06 4.64
C LEU A 30 -8.51 5.94 3.98
N LEU A 31 -8.54 5.95 2.66
CA LEU A 31 -9.79 5.83 1.91
C LEU A 31 -10.54 4.56 2.29
N HIS A 32 -9.81 3.44 2.36
CA HIS A 32 -10.41 2.17 2.71
C HIS A 32 -11.24 2.28 3.99
N THR A 33 -10.66 2.91 5.00
CA THR A 33 -11.34 3.09 6.28
C THR A 33 -12.46 4.11 6.16
N ALA A 34 -13.67 3.71 6.53
CA ALA A 34 -14.83 4.60 6.47
C ALA A 34 -14.43 6.04 6.78
N ASP A 35 -14.82 6.96 5.89
CA ASP A 35 -14.50 8.36 6.07
C ASP A 35 -15.55 9.24 5.40
N GLY A 36 -16.32 9.97 6.21
CA GLY A 36 -17.36 10.83 5.69
C GLY A 36 -18.35 10.09 4.81
ZN ZN B . -5.89 -0.20 -1.12
N GLY A 1 11.88 -13.89 5.94
CA GLY A 1 11.66 -13.82 4.51
C GLY A 1 12.87 -13.31 3.75
N SER A 2 13.38 -14.12 2.84
CA SER A 2 14.55 -13.75 2.05
C SER A 2 14.14 -12.98 0.80
N SER A 3 15.09 -12.23 0.25
CA SER A 3 14.82 -11.43 -0.95
C SER A 3 16.12 -11.14 -1.70
N GLY A 4 15.97 -10.69 -2.95
CA GLY A 4 17.14 -10.38 -3.75
C GLY A 4 17.34 -8.89 -3.95
N SER A 5 16.67 -8.33 -4.95
CA SER A 5 16.77 -6.91 -5.24
C SER A 5 16.11 -6.08 -4.16
N SER A 6 16.79 -5.02 -3.73
CA SER A 6 16.26 -4.15 -2.68
C SER A 6 15.05 -3.37 -3.18
N GLY A 7 13.86 -3.92 -2.92
CA GLY A 7 12.63 -3.27 -3.34
C GLY A 7 11.45 -3.63 -2.47
N LYS A 8 11.21 -2.81 -1.45
CA LYS A 8 10.10 -3.04 -0.52
C LYS A 8 8.88 -2.22 -0.92
N THR A 9 8.56 -2.23 -2.21
CA THR A 9 7.41 -1.48 -2.72
C THR A 9 6.23 -1.58 -1.77
N HIS A 10 5.61 -0.44 -1.47
CA HIS A 10 4.46 -0.40 -0.58
C HIS A 10 3.23 -0.98 -1.25
N LEU A 11 2.93 -2.25 -0.97
CA LEU A 11 1.78 -2.91 -1.55
C LEU A 11 0.58 -2.87 -0.60
N CYS A 12 -0.58 -2.53 -1.15
CA CYS A 12 -1.80 -2.45 -0.36
C CYS A 12 -2.49 -3.82 -0.27
N ASP A 13 -2.51 -4.38 0.94
CA ASP A 13 -3.13 -5.67 1.16
C ASP A 13 -4.63 -5.53 1.40
N MET A 14 -5.25 -4.60 0.68
CA MET A 14 -6.68 -4.36 0.82
C MET A 14 -7.37 -4.34 -0.54
N CYS A 15 -6.69 -3.78 -1.53
CA CYS A 15 -7.22 -3.69 -2.88
C CYS A 15 -6.25 -4.31 -3.90
N GLY A 16 -4.97 -4.19 -3.61
CA GLY A 16 -3.96 -4.74 -4.51
C GLY A 16 -3.25 -3.66 -5.32
N LYS A 17 -2.98 -2.53 -4.67
CA LYS A 17 -2.30 -1.42 -5.33
C LYS A 17 -0.88 -1.27 -4.80
N LYS A 18 0.07 -1.04 -5.71
CA LYS A 18 1.47 -0.88 -5.34
C LYS A 18 1.86 0.60 -5.40
N PHE A 19 2.59 1.05 -4.38
CA PHE A 19 3.03 2.44 -4.31
C PHE A 19 4.54 2.52 -4.01
N LYS A 20 5.20 3.48 -4.62
CA LYS A 20 6.63 3.68 -4.42
C LYS A 20 6.90 4.78 -3.41
N SER A 21 5.95 5.01 -2.51
CA SER A 21 6.08 6.03 -1.49
C SER A 21 5.05 5.84 -0.39
N LYS A 22 5.52 5.69 0.84
CA LYS A 22 4.64 5.49 1.99
C LYS A 22 3.56 6.57 2.03
N GLY A 23 3.97 7.81 2.26
CA GLY A 23 3.04 8.91 2.31
C GLY A 23 1.91 8.76 1.31
N THR A 24 2.25 8.31 0.12
CA THR A 24 1.26 8.13 -0.94
C THR A 24 0.30 7.00 -0.61
N LEU A 25 0.84 5.85 -0.21
CA LEU A 25 0.04 4.70 0.14
C LEU A 25 -0.84 4.99 1.35
N LYS A 26 -0.29 5.74 2.31
CA LYS A 26 -1.03 6.10 3.52
C LYS A 26 -2.31 6.85 3.16
N SER A 27 -2.17 7.97 2.45
CA SER A 27 -3.33 8.77 2.06
C SER A 27 -4.35 7.92 1.32
N HIS A 28 -3.88 6.89 0.62
CA HIS A 28 -4.75 6.00 -0.12
C HIS A 28 -5.49 5.04 0.82
N LYS A 29 -4.74 4.41 1.71
CA LYS A 29 -5.33 3.48 2.66
C LYS A 29 -6.49 4.11 3.41
N LEU A 30 -6.27 5.30 3.96
CA LEU A 30 -7.30 6.02 4.69
C LEU A 30 -8.64 5.91 3.99
N LEU A 31 -8.63 6.01 2.67
CA LEU A 31 -9.85 5.92 1.87
C LEU A 31 -10.60 4.63 2.19
N HIS A 32 -9.88 3.53 2.29
CA HIS A 32 -10.47 2.23 2.59
C HIS A 32 -11.31 2.31 3.87
N THR A 33 -10.71 2.82 4.93
CA THR A 33 -11.40 2.95 6.21
C THR A 33 -12.07 4.31 6.34
N ALA A 34 -13.40 4.29 6.40
CA ALA A 34 -14.17 5.53 6.53
C ALA A 34 -14.20 6.01 7.97
N ASP A 35 -13.19 6.78 8.37
CA ASP A 35 -13.10 7.31 9.72
C ASP A 35 -13.57 8.75 9.78
N GLY A 36 -12.91 9.61 9.01
CA GLY A 36 -13.28 11.01 8.98
C GLY A 36 -14.50 11.28 8.12
ZN ZN B . -5.73 0.03 -1.25
N GLY A 1 24.19 -7.43 0.46
CA GLY A 1 22.85 -7.27 1.00
C GLY A 1 22.42 -5.82 1.06
N SER A 2 22.85 -5.12 2.11
CA SER A 2 22.50 -3.72 2.29
C SER A 2 21.07 -3.45 1.83
N SER A 3 20.16 -4.35 2.19
CA SER A 3 18.77 -4.22 1.83
C SER A 3 17.90 -3.92 3.05
N GLY A 4 18.37 -2.99 3.87
CA GLY A 4 17.64 -2.61 5.07
C GLY A 4 16.47 -1.69 4.76
N SER A 5 15.64 -2.09 3.80
CA SER A 5 14.48 -1.29 3.42
C SER A 5 13.21 -2.15 3.41
N SER A 6 13.06 -2.98 4.43
CA SER A 6 11.89 -3.85 4.54
C SER A 6 10.65 -3.17 4.00
N GLY A 7 10.17 -3.62 2.85
CA GLY A 7 8.99 -3.03 2.25
C GLY A 7 9.32 -1.93 1.26
N LYS A 8 10.16 -2.25 0.27
CA LYS A 8 10.55 -1.29 -0.74
C LYS A 8 9.33 -0.68 -1.43
N THR A 9 8.55 -1.53 -2.08
CA THR A 9 7.34 -1.08 -2.78
C THR A 9 6.11 -1.22 -1.89
N HIS A 10 5.72 -0.11 -1.27
CA HIS A 10 4.55 -0.12 -0.40
C HIS A 10 3.31 -0.60 -1.14
N LEU A 11 2.89 -1.83 -0.83
CA LEU A 11 1.72 -2.42 -1.47
C LEU A 11 0.54 -2.47 -0.51
N CYS A 12 -0.66 -2.34 -1.06
CA CYS A 12 -1.88 -2.36 -0.25
C CYS A 12 -2.53 -3.74 -0.29
N ASP A 13 -2.65 -4.36 0.88
CA ASP A 13 -3.25 -5.69 0.97
C ASP A 13 -4.77 -5.60 1.06
N MET A 14 -5.28 -4.36 1.06
CA MET A 14 -6.71 -4.13 1.14
C MET A 14 -7.36 -4.26 -0.24
N CYS A 15 -6.75 -3.63 -1.23
CA CYS A 15 -7.27 -3.66 -2.60
C CYS A 15 -6.29 -4.38 -3.52
N GLY A 16 -5.01 -4.09 -3.36
CA GLY A 16 -3.99 -4.71 -4.19
C GLY A 16 -3.28 -3.71 -5.09
N LYS A 17 -2.99 -2.54 -4.55
CA LYS A 17 -2.30 -1.49 -5.30
C LYS A 17 -0.87 -1.31 -4.81
N LYS A 18 0.05 -1.18 -5.75
CA LYS A 18 1.46 -1.00 -5.41
C LYS A 18 1.86 0.48 -5.48
N PHE A 19 2.60 0.94 -4.48
CA PHE A 19 3.03 2.33 -4.43
C PHE A 19 4.55 2.41 -4.28
N LYS A 20 5.12 3.54 -4.72
CA LYS A 20 6.56 3.74 -4.64
C LYS A 20 6.95 4.31 -3.28
N SER A 21 6.16 5.28 -2.81
CA SER A 21 6.42 5.91 -1.51
C SER A 21 5.33 5.55 -0.50
N LYS A 22 5.71 5.51 0.77
CA LYS A 22 4.77 5.18 1.83
C LYS A 22 3.70 6.25 1.96
N GLY A 23 4.12 7.50 2.17
CA GLY A 23 3.17 8.59 2.30
C GLY A 23 1.99 8.45 1.36
N THR A 24 2.28 8.35 0.07
CA THR A 24 1.25 8.22 -0.95
C THR A 24 0.29 7.09 -0.60
N LEU A 25 0.84 5.94 -0.22
CA LEU A 25 0.03 4.78 0.14
C LEU A 25 -0.87 5.10 1.33
N LYS A 26 -0.31 5.71 2.35
CA LYS A 26 -1.06 6.06 3.55
C LYS A 26 -2.32 6.84 3.18
N SER A 27 -2.15 7.95 2.49
CA SER A 27 -3.27 8.78 2.07
C SER A 27 -4.35 7.94 1.39
N HIS A 28 -3.91 6.91 0.66
CA HIS A 28 -4.83 6.03 -0.05
C HIS A 28 -5.55 5.11 0.92
N LYS A 29 -4.78 4.37 1.71
CA LYS A 29 -5.36 3.45 2.70
C LYS A 29 -6.53 4.09 3.43
N LEU A 30 -6.32 5.30 3.92
CA LEU A 30 -7.37 6.01 4.65
C LEU A 30 -8.70 5.90 3.92
N LEU A 31 -8.66 5.91 2.59
CA LEU A 31 -9.86 5.82 1.77
C LEU A 31 -10.66 4.56 2.13
N HIS A 32 -9.95 3.46 2.34
CA HIS A 32 -10.60 2.20 2.70
C HIS A 32 -11.51 2.37 3.91
N THR A 33 -11.02 3.09 4.91
CA THR A 33 -11.78 3.32 6.13
C THR A 33 -13.26 3.53 5.81
N ALA A 34 -14.09 2.61 6.29
CA ALA A 34 -15.53 2.71 6.06
C ALA A 34 -16.22 3.49 7.17
N ASP A 35 -16.97 4.52 6.78
CA ASP A 35 -17.68 5.36 7.74
C ASP A 35 -19.09 4.82 7.97
N GLY A 36 -19.76 4.45 6.90
CA GLY A 36 -21.12 3.94 7.00
C GLY A 36 -21.16 2.55 7.61
ZN ZN B . -5.94 -0.10 -0.90
N GLY A 1 6.40 -12.14 -0.06
CA GLY A 1 7.72 -12.70 -0.20
C GLY A 1 8.08 -13.03 -1.63
N SER A 2 7.24 -13.83 -2.29
CA SER A 2 7.48 -14.21 -3.67
C SER A 2 7.45 -13.00 -4.59
N SER A 3 8.02 -13.14 -5.78
CA SER A 3 8.06 -12.05 -6.75
C SER A 3 8.24 -10.70 -6.05
N GLY A 4 9.13 -10.68 -5.06
CA GLY A 4 9.39 -9.46 -4.32
C GLY A 4 10.68 -9.52 -3.53
N SER A 5 11.74 -9.97 -4.17
CA SER A 5 13.05 -10.09 -3.52
C SER A 5 13.86 -8.82 -3.72
N SER A 6 13.95 -8.37 -4.98
CA SER A 6 14.72 -7.18 -5.31
C SER A 6 13.79 -5.98 -5.50
N GLY A 7 13.70 -5.13 -4.47
CA GLY A 7 12.85 -3.96 -4.55
C GLY A 7 11.91 -3.86 -3.37
N LYS A 8 11.80 -2.66 -2.80
CA LYS A 8 10.93 -2.43 -1.66
C LYS A 8 9.75 -1.54 -2.04
N THR A 9 8.70 -2.15 -2.59
CA THR A 9 7.51 -1.41 -3.00
C THR A 9 6.41 -1.51 -1.95
N HIS A 10 5.75 -0.39 -1.68
CA HIS A 10 4.66 -0.36 -0.70
C HIS A 10 3.37 -0.91 -1.31
N LEU A 11 3.09 -2.17 -1.02
CA LEU A 11 1.88 -2.81 -1.54
C LEU A 11 0.74 -2.73 -0.52
N CYS A 12 -0.48 -2.54 -1.02
CA CYS A 12 -1.64 -2.44 -0.15
C CYS A 12 -2.33 -3.80 -0.01
N ASP A 13 -2.26 -4.36 1.19
CA ASP A 13 -2.88 -5.66 1.47
C ASP A 13 -4.37 -5.50 1.78
N MET A 14 -5.01 -4.56 1.09
CA MET A 14 -6.44 -4.31 1.30
C MET A 14 -7.19 -4.34 -0.02
N CYS A 15 -6.53 -3.86 -1.08
CA CYS A 15 -7.15 -3.82 -2.40
C CYS A 15 -6.20 -4.40 -3.44
N GLY A 16 -4.90 -4.23 -3.23
CA GLY A 16 -3.91 -4.73 -4.16
C GLY A 16 -3.29 -3.64 -5.00
N LYS A 17 -2.97 -2.52 -4.36
CA LYS A 17 -2.35 -1.39 -5.05
C LYS A 17 -0.89 -1.23 -4.65
N LYS A 18 -0.03 -1.01 -5.64
CA LYS A 18 1.39 -0.85 -5.39
C LYS A 18 1.77 0.63 -5.37
N PHE A 19 2.57 1.02 -4.39
CA PHE A 19 3.00 2.41 -4.26
C PHE A 19 4.52 2.49 -4.12
N LYS A 20 5.07 3.65 -4.46
CA LYS A 20 6.51 3.86 -4.39
C LYS A 20 6.86 4.81 -3.25
N SER A 21 5.91 5.03 -2.36
CA SER A 21 6.11 5.93 -1.22
C SER A 21 5.08 5.68 -0.14
N LYS A 22 5.55 5.55 1.10
CA LYS A 22 4.67 5.31 2.24
C LYS A 22 3.59 6.38 2.33
N GLY A 23 4.01 7.64 2.22
CA GLY A 23 3.08 8.75 2.30
C GLY A 23 1.95 8.63 1.29
N THR A 24 2.30 8.27 0.06
CA THR A 24 1.31 8.12 -1.00
C THR A 24 0.33 7.00 -0.69
N LEU A 25 0.87 5.87 -0.24
CA LEU A 25 0.03 4.72 0.10
C LEU A 25 -0.86 5.02 1.31
N LYS A 26 -0.30 5.72 2.29
CA LYS A 26 -1.03 6.08 3.50
C LYS A 26 -2.31 6.83 3.14
N SER A 27 -2.16 7.94 2.43
CA SER A 27 -3.30 8.76 2.04
C SER A 27 -4.35 7.91 1.31
N HIS A 28 -3.88 6.92 0.56
CA HIS A 28 -4.78 6.04 -0.18
C HIS A 28 -5.51 5.09 0.77
N LYS A 29 -4.78 4.52 1.71
CA LYS A 29 -5.36 3.60 2.68
C LYS A 29 -6.54 4.24 3.40
N LEU A 30 -6.36 5.50 3.83
CA LEU A 30 -7.40 6.22 4.53
C LEU A 30 -8.76 5.99 3.88
N LEU A 31 -8.79 6.00 2.55
CA LEU A 31 -10.02 5.78 1.80
C LEU A 31 -10.72 4.50 2.25
N HIS A 32 -9.93 3.45 2.43
CA HIS A 32 -10.47 2.16 2.86
C HIS A 32 -11.26 2.31 4.16
N THR A 33 -10.65 2.97 5.14
CA THR A 33 -11.29 3.17 6.43
C THR A 33 -10.97 4.56 6.98
N ALA A 34 -11.99 5.22 7.53
CA ALA A 34 -11.82 6.55 8.10
C ALA A 34 -10.86 6.52 9.29
N ASP A 35 -9.63 7.00 9.06
CA ASP A 35 -8.62 7.03 10.12
C ASP A 35 -8.90 8.15 11.11
N GLY A 36 -8.85 7.82 12.40
CA GLY A 36 -9.10 8.82 13.43
C GLY A 36 -10.24 9.76 13.06
ZN ZN B . -5.62 -0.08 -0.94
#